data_4WUU
#
_entry.id   4WUU
#
_cell.length_a   70.080
_cell.length_b   118.260
_cell.length_c   126.302
_cell.angle_alpha   90.00
_cell.angle_beta   90.00
_cell.angle_gamma   90.00
#
_symmetry.space_group_name_H-M   'P 21 21 21'
#
loop_
_entity.id
_entity.type
_entity.pdbx_description
1 polymer 'HLA class I histocompatibility antigen, A-2 alpha chain'
2 polymer Beta-2-microglobulin
3 polymer ARG-MET-PHE-PRO-ASN-ALA-PRO-TYR-LEU
4 polymer ESK1
5 polymer 'IMMUNOGLOBULIN HEAVY CHAIN'
#
loop_
_entity_poly.entity_id
_entity_poly.type
_entity_poly.pdbx_seq_one_letter_code
_entity_poly.pdbx_strand_id
1 'polypeptide(L)'
;MGSHSMRYFFTSVSRPGRGEPRFIAVGYVDDTQFVRFDSDAASQRMEPRAPWIEQEGPEYWDGETRKVKAHSQTHRVDLG
TLRGYYNQSEAGSHTVQRMYGCDVGSDWRFLRGYHQYAYDGKDYIALKEDLRSWTAADMAAQTTKHKWEAAHVAEQLRAY
LEGTCVEWLRRYLENGKETLQRTDAPKTHMTHHAVSDHEATLRCWALSFYPAEITLTWQRDGEDQTQDTELVETRPAGDG
TFQKWAAVVVPSGQEQRYTCHVQHEGLPKPLTLRWEPGSGGGLNDIFEAQKIGWHE
;
A
2 'polypeptide(L)'
;MIQRTPKIQVYSRHPAENGKSNFLNCYVSGFHPSDIEVDLLKNGERIEKVEHSDLSFSKDWSFYLLYYTEFTPTEKDEYA
CRVNHVTLSQPKIVKWDRDM
;
B
3 'polypeptide(L)' RMFPNAPYL C
4 'polypeptide(L)'
;QAVVTQPPSASGTPGQRVTISCSGSSSNIGSNTVNWYQQVPGTAPKLLIYSNNQRPSGVPDRFSGSKSGTSASLAISGLQ
SEDEADYYCAAWDDSLNGWVFGGGTKLTVLGQPKANPTVTLFPPSSEELQANKATLVCLISDFYPGAVTVAWKADGSPVK
AGVETTKPSKQSNNKYAASSYLSLTPEQWKSHRSYSCQVTHEGSTVEKTVAPTECS
;
D
5 'polypeptide(L)'
;QMQLVQSGAEVKEPGESLRISCKGSGYSFTNFWISWVRQMPGKGLEWMGRVDPGYSYSTYSPSFQGHVTISADKSTSTAY
LQWNSLKASDTAMYYCARVQYSGYYDWFDPWGQGTLVTVSSASTKGPSVFPLAPSSKSTSGGTAALGCLVKDYFPEPVTV
SWNSGALTSGVHTFPAVLQSSGLYSLSSVVTVPSSSLGTQTYICNVNHKPSNTKVDKRVEPKS
;
E
#
# COMPACT_ATOMS: atom_id res chain seq x y z
N GLY A 2 13.48 -22.45 10.34
CA GLY A 2 13.16 -23.37 9.22
C GLY A 2 12.47 -22.66 8.06
N SER A 3 12.54 -23.26 6.88
CA SER A 3 11.91 -22.67 5.70
C SER A 3 10.39 -22.66 5.85
N HIS A 4 9.76 -21.64 5.28
CA HIS A 4 8.32 -21.54 5.25
C HIS A 4 7.91 -21.04 3.86
N SER A 5 6.67 -21.34 3.48
CA SER A 5 6.18 -20.96 2.17
C SER A 5 4.67 -20.75 2.22
N MET A 6 4.20 -19.81 1.42
CA MET A 6 2.77 -19.57 1.23
C MET A 6 2.43 -19.86 -0.22
N ARG A 7 1.38 -20.65 -0.43
CA ARG A 7 0.95 -21.04 -1.76
C ARG A 7 -0.55 -20.86 -1.88
N TYR A 8 -0.99 -20.48 -3.08
CA TYR A 8 -2.41 -20.38 -3.39
C TYR A 8 -2.71 -21.30 -4.56
N PHE A 9 -3.69 -22.18 -4.39
CA PHE A 9 -4.07 -23.15 -5.40
C PHE A 9 -5.47 -22.83 -5.91
N PHE A 10 -5.62 -22.83 -7.24
CA PHE A 10 -6.89 -22.49 -7.88
C PHE A 10 -7.24 -23.57 -8.89
N THR A 11 -8.48 -24.06 -8.83
CA THR A 11 -8.97 -25.06 -9.76
C THR A 11 -10.30 -24.60 -10.33
N SER A 12 -10.43 -24.69 -11.66
CA SER A 12 -11.71 -24.48 -12.33
C SER A 12 -11.87 -25.57 -13.39
N VAL A 13 -13.07 -26.14 -13.46
CA VAL A 13 -13.38 -27.21 -14.41
C VAL A 13 -14.70 -26.87 -15.10
N SER A 14 -14.73 -27.01 -16.41
CA SER A 14 -15.95 -26.76 -17.16
C SER A 14 -16.92 -27.91 -16.95
N ARG A 15 -18.19 -27.58 -16.68
CA ARG A 15 -19.23 -28.58 -16.49
C ARG A 15 -20.32 -28.26 -17.51
N PRO A 16 -20.26 -28.89 -18.70
CA PRO A 16 -21.06 -28.39 -19.83
C PRO A 16 -22.54 -28.71 -19.65
N GLY A 17 -23.36 -27.67 -19.76
CA GLY A 17 -24.79 -27.82 -19.59
C GLY A 17 -25.20 -28.26 -18.20
N ARG A 18 -24.36 -28.02 -17.20
CA ARG A 18 -24.60 -28.49 -15.83
C ARG A 18 -24.27 -27.38 -14.84
N GLY A 19 -24.82 -26.19 -15.06
CA GLY A 19 -24.57 -25.08 -14.17
C GLY A 19 -23.23 -24.41 -14.44
N GLU A 20 -22.81 -23.61 -13.47
CA GLU A 20 -21.60 -22.83 -13.63
C GLU A 20 -20.37 -23.74 -13.63
N PRO A 21 -19.28 -23.32 -14.26
CA PRO A 21 -18.00 -23.99 -14.03
C PRO A 21 -17.65 -23.99 -12.55
N ARG A 22 -17.07 -25.09 -12.09
CA ARG A 22 -16.58 -25.14 -10.72
C ARG A 22 -15.35 -24.26 -10.58
N PHE A 23 -15.20 -23.66 -9.40
CA PHE A 23 -14.02 -22.84 -9.10
C PHE A 23 -13.71 -22.98 -7.63
N ILE A 24 -12.57 -23.59 -7.31
CA ILE A 24 -12.12 -23.78 -5.94
C ILE A 24 -10.79 -23.07 -5.76
N ALA A 25 -10.65 -22.33 -4.67
CA ALA A 25 -9.40 -21.69 -4.29
C ALA A 25 -9.06 -22.04 -2.85
N VAL A 26 -7.78 -22.27 -2.57
CA VAL A 26 -7.31 -22.56 -1.22
C VAL A 26 -5.98 -21.86 -0.99
N GLY A 27 -5.71 -21.57 0.28
CA GLY A 27 -4.47 -20.97 0.69
C GLY A 27 -3.77 -21.78 1.75
N TYR A 28 -2.50 -22.09 1.53
CA TYR A 28 -1.71 -22.86 2.47
C TYR A 28 -0.54 -22.01 2.98
N VAL A 29 -0.18 -22.23 4.23
CA VAL A 29 1.13 -21.87 4.75
C VAL A 29 1.79 -23.17 5.17
N ASP A 30 2.97 -23.44 4.61
CA ASP A 30 3.55 -24.77 4.74
C ASP A 30 2.53 -25.78 4.26
N ASP A 31 2.14 -26.71 5.14
CA ASP A 31 1.14 -27.72 4.80
C ASP A 31 -0.19 -27.46 5.48
N THR A 32 -0.39 -26.25 6.03
CA THR A 32 -1.61 -25.91 6.74
C THR A 32 -2.47 -25.01 5.86
N GLN A 33 -3.63 -25.51 5.46
CA GLN A 33 -4.63 -24.68 4.80
C GLN A 33 -5.08 -23.56 5.73
N PHE A 34 -5.56 -22.47 5.16
CA PHE A 34 -6.02 -21.36 6.00
C PHE A 34 -7.13 -20.52 5.38
N VAL A 35 -7.35 -20.61 4.07
CA VAL A 35 -8.48 -19.96 3.43
C VAL A 35 -9.06 -20.87 2.36
N ARG A 36 -10.31 -20.62 2.01
CA ARG A 36 -10.95 -21.33 0.92
C ARG A 36 -12.00 -20.41 0.29
N PHE A 37 -12.28 -20.67 -0.98
CA PHE A 37 -13.46 -20.11 -1.64
C PHE A 37 -14.00 -21.17 -2.58
N ASP A 38 -15.25 -21.58 -2.36
CA ASP A 38 -15.94 -22.51 -3.23
C ASP A 38 -17.02 -21.77 -3.99
N SER A 39 -16.97 -21.84 -5.32
CA SER A 39 -17.95 -21.15 -6.14
C SER A 39 -19.35 -21.65 -5.88
N ASP A 40 -19.50 -22.93 -5.59
CA ASP A 40 -20.82 -23.51 -5.34
C ASP A 40 -21.34 -23.17 -3.95
N ALA A 41 -20.45 -22.94 -2.98
CA ALA A 41 -20.88 -22.68 -1.62
C ALA A 41 -21.86 -21.51 -1.59
N ALA A 42 -22.81 -21.59 -0.65
CA ALA A 42 -23.86 -20.59 -0.57
C ALA A 42 -23.31 -19.22 -0.18
N SER A 43 -22.20 -19.19 0.55
CA SER A 43 -21.73 -17.93 1.12
C SER A 43 -21.17 -17.00 0.05
N GLN A 44 -20.52 -17.55 -0.98
CA GLN A 44 -19.84 -16.73 -1.99
C GLN A 44 -18.79 -15.83 -1.34
N ARG A 45 -18.12 -16.35 -0.32
CA ARG A 45 -17.18 -15.58 0.47
C ARG A 45 -15.86 -16.32 0.61
N MET A 46 -14.78 -15.57 0.73
CA MET A 46 -13.53 -16.13 1.22
C MET A 46 -13.66 -16.41 2.70
N GLU A 47 -13.33 -17.62 3.11
CA GLU A 47 -13.64 -18.08 4.45
C GLU A 47 -12.38 -18.57 5.15
N PRO A 48 -12.34 -18.49 6.48
CA PRO A 48 -11.16 -18.95 7.21
C PRO A 48 -11.20 -20.45 7.46
N ARG A 49 -10.03 -21.08 7.38
CA ARG A 49 -9.93 -22.53 7.58
C ARG A 49 -8.79 -22.89 8.53
N ALA A 50 -8.31 -21.92 9.31
CA ALA A 50 -7.29 -22.16 10.31
C ALA A 50 -7.50 -21.14 11.42
N PRO A 51 -7.28 -21.51 12.68
CA PRO A 51 -7.66 -20.60 13.77
C PRO A 51 -6.93 -19.28 13.75
N TRP A 52 -5.67 -19.26 13.32
CA TRP A 52 -4.87 -18.04 13.41
C TRP A 52 -5.22 -17.02 12.34
N ILE A 53 -5.94 -17.41 11.29
CA ILE A 53 -6.41 -16.43 10.30
C ILE A 53 -7.74 -15.81 10.68
N GLU A 54 -8.32 -16.21 11.82
CA GLU A 54 -9.65 -15.75 12.16
C GLU A 54 -9.67 -14.30 12.62
N GLN A 55 -8.55 -13.80 13.16
CA GLN A 55 -8.55 -12.44 13.69
C GLN A 55 -8.47 -11.38 12.60
N GLU A 56 -8.23 -11.76 11.36
CA GLU A 56 -8.27 -10.79 10.27
C GLU A 56 -9.63 -10.12 10.23
N GLY A 57 -9.62 -8.79 10.07
CA GLY A 57 -10.84 -8.02 10.14
C GLY A 57 -11.63 -8.05 8.85
N PRO A 58 -12.77 -7.37 8.86
CA PRO A 58 -13.59 -7.30 7.64
C PRO A 58 -12.83 -6.81 6.42
N GLU A 59 -12.07 -5.72 6.55
CA GLU A 59 -11.13 -5.29 5.52
C GLU A 59 -10.64 -6.47 4.69
N TYR A 60 -10.07 -7.44 5.40
CA TYR A 60 -9.40 -8.58 4.76
C TYR A 60 -10.40 -9.48 4.05
N TRP A 61 -11.47 -9.88 4.74
CA TRP A 61 -12.42 -10.81 4.15
C TRP A 61 -13.19 -10.16 3.01
N ASP A 62 -13.58 -8.89 3.17
CA ASP A 62 -14.26 -8.19 2.09
C ASP A 62 -13.33 -8.02 0.89
N GLY A 63 -12.06 -7.72 1.13
CA GLY A 63 -11.14 -7.49 0.04
C GLY A 63 -10.79 -8.77 -0.71
N GLU A 64 -10.36 -9.80 0.01
CA GLU A 64 -10.08 -11.09 -0.61
C GLU A 64 -11.32 -11.63 -1.32
N THR A 65 -12.45 -11.62 -0.64
CA THR A 65 -13.71 -12.04 -1.25
C THR A 65 -13.90 -11.45 -2.63
N ARG A 66 -13.60 -10.15 -2.79
CA ARG A 66 -13.78 -9.51 -4.09
C ARG A 66 -12.74 -9.97 -5.09
N LYS A 67 -11.47 -10.08 -4.65
CA LYS A 67 -10.43 -10.54 -5.56
C LYS A 67 -10.71 -11.93 -6.08
N VAL A 68 -11.19 -12.83 -5.22
CA VAL A 68 -11.36 -14.22 -5.61
C VAL A 68 -12.54 -14.37 -6.56
N LYS A 69 -13.57 -13.53 -6.41
CA LYS A 69 -14.64 -13.51 -7.40
C LYS A 69 -14.11 -13.01 -8.74
N ALA A 70 -13.44 -11.86 -8.74
CA ALA A 70 -12.81 -11.38 -9.96
C ALA A 70 -11.92 -12.44 -10.59
N HIS A 71 -11.37 -13.34 -9.79
CA HIS A 71 -10.61 -14.47 -10.33
C HIS A 71 -11.52 -15.43 -11.06
N SER A 72 -12.58 -15.89 -10.39
CA SER A 72 -13.47 -16.88 -11.00
C SER A 72 -14.05 -16.36 -12.30
N GLN A 73 -14.39 -15.06 -12.35
CA GLN A 73 -14.90 -14.48 -13.59
C GLN A 73 -13.91 -14.65 -14.72
N THR A 74 -12.62 -14.38 -14.45
CA THR A 74 -11.61 -14.57 -15.48
C THR A 74 -11.55 -16.03 -15.90
N HIS A 75 -11.52 -16.94 -14.92
CA HIS A 75 -11.33 -18.35 -15.25
C HIS A 75 -12.53 -18.93 -15.99
N ARG A 76 -13.73 -18.40 -15.75
CA ARG A 76 -14.88 -18.79 -16.54
C ARG A 76 -14.65 -18.48 -18.02
N VAL A 77 -14.05 -17.32 -18.29
CA VAL A 77 -13.72 -16.96 -19.67
C VAL A 77 -12.58 -17.81 -20.18
N ASP A 78 -11.53 -17.97 -19.36
CA ASP A 78 -10.33 -18.68 -19.82
C ASP A 78 -10.66 -20.09 -20.31
N LEU A 79 -11.64 -20.73 -19.69
CA LEU A 79 -12.11 -22.02 -20.19
C LEU A 79 -12.56 -21.89 -21.64
N GLY A 80 -13.34 -20.85 -21.95
CA GLY A 80 -13.71 -20.60 -23.33
C GLY A 80 -12.49 -20.35 -24.19
N THR A 81 -11.57 -19.53 -23.70
CA THR A 81 -10.38 -19.18 -24.48
C THR A 81 -9.56 -20.42 -24.83
N LEU A 82 -9.41 -21.34 -23.88
CA LEU A 82 -8.56 -22.49 -24.11
C LEU A 82 -9.19 -23.48 -25.08
N ARG A 83 -10.52 -23.62 -25.03
CA ARG A 83 -11.20 -24.40 -26.05
C ARG A 83 -10.88 -23.87 -27.44
N GLY A 84 -10.67 -22.55 -27.57
CA GLY A 84 -10.36 -21.99 -28.87
C GLY A 84 -8.94 -22.27 -29.30
N TYR A 85 -7.99 -22.15 -28.38
CA TYR A 85 -6.60 -22.46 -28.69
C TYR A 85 -6.47 -23.88 -29.20
N TYR A 86 -7.04 -24.84 -28.48
CA TYR A 86 -6.93 -26.26 -28.81
C TYR A 86 -8.08 -26.74 -29.68
N ASN A 87 -8.97 -25.85 -30.12
CA ASN A 87 -10.10 -26.20 -30.99
C ASN A 87 -10.83 -27.43 -30.47
N GLN A 88 -11.52 -27.24 -29.34
CA GLN A 88 -12.22 -28.31 -28.64
C GLN A 88 -13.70 -27.99 -28.56
N SER A 89 -14.52 -29.03 -28.58
CA SER A 89 -15.97 -28.85 -28.52
C SER A 89 -16.41 -28.51 -27.10
N GLU A 90 -17.57 -27.87 -27.00
CA GLU A 90 -18.12 -27.47 -25.71
C GLU A 90 -18.79 -28.61 -24.97
N ALA A 91 -18.78 -29.82 -25.54
CA ALA A 91 -19.42 -30.97 -24.91
C ALA A 91 -18.58 -31.58 -23.80
N GLY A 92 -17.26 -31.33 -23.79
CA GLY A 92 -16.37 -31.97 -22.85
C GLY A 92 -16.06 -31.11 -21.63
N SER A 93 -15.49 -31.76 -20.62
CA SER A 93 -15.09 -31.10 -19.39
C SER A 93 -13.57 -30.99 -19.34
N HIS A 94 -13.07 -29.78 -19.10
CA HIS A 94 -11.65 -29.50 -19.08
C HIS A 94 -11.29 -28.80 -17.77
N THR A 95 -10.00 -28.79 -17.45
CA THR A 95 -9.54 -28.38 -16.12
C THR A 95 -8.43 -27.34 -16.25
N VAL A 96 -8.65 -26.16 -15.68
CA VAL A 96 -7.62 -25.14 -15.52
C VAL A 96 -7.09 -25.21 -14.09
N GLN A 97 -5.78 -25.19 -13.94
CA GLN A 97 -5.16 -25.19 -12.62
C GLN A 97 -4.11 -24.09 -12.54
N ARG A 98 -4.06 -23.43 -11.38
CA ARG A 98 -3.19 -22.27 -11.19
C ARG A 98 -2.63 -22.33 -9.77
N MET A 99 -1.30 -22.31 -9.65
CA MET A 99 -0.63 -22.32 -8.37
C MET A 99 0.43 -21.23 -8.38
N TYR A 100 0.43 -20.38 -7.35
CA TYR A 100 1.49 -19.42 -7.15
C TYR A 100 1.80 -19.31 -5.67
N GLY A 101 2.95 -18.74 -5.35
CA GLY A 101 3.34 -18.59 -3.97
C GLY A 101 4.80 -18.23 -3.84
N CYS A 102 5.19 -17.97 -2.59
CA CYS A 102 6.53 -17.52 -2.27
C CYS A 102 7.16 -18.45 -1.24
N ASP A 103 8.48 -18.66 -1.36
CA ASP A 103 9.25 -19.46 -0.42
C ASP A 103 10.26 -18.56 0.28
N VAL A 104 10.29 -18.63 1.61
CA VAL A 104 11.26 -17.87 2.41
C VAL A 104 12.10 -18.85 3.21
N GLY A 105 13.33 -18.45 3.49
CA GLY A 105 14.22 -19.25 4.31
C GLY A 105 13.95 -19.09 5.79
N SER A 106 14.82 -19.68 6.59
CA SER A 106 14.67 -19.63 8.04
C SER A 106 14.91 -18.23 8.60
N ASP A 107 15.60 -17.37 7.87
CA ASP A 107 15.65 -15.96 8.23
C ASP A 107 14.47 -15.17 7.67
N TRP A 108 13.45 -15.88 7.19
CA TRP A 108 12.23 -15.26 6.65
C TRP A 108 12.52 -14.32 5.49
N ARG A 109 13.67 -14.49 4.84
CA ARG A 109 14.02 -13.76 3.63
C ARG A 109 13.50 -14.49 2.39
N PHE A 110 13.19 -13.70 1.37
CA PHE A 110 12.73 -14.27 0.10
C PHE A 110 13.75 -15.25 -0.47
N LEU A 111 13.25 -16.40 -0.93
CA LEU A 111 14.04 -17.34 -1.71
C LEU A 111 13.54 -17.44 -3.14
N ARG A 112 12.30 -17.86 -3.31
CA ARG A 112 11.81 -18.33 -4.59
C ARG A 112 10.38 -17.87 -4.77
N GLY A 113 10.08 -17.40 -5.97
CA GLY A 113 8.70 -17.15 -6.35
C GLY A 113 8.31 -18.11 -7.45
N TYR A 114 7.03 -18.41 -7.55
CA TYR A 114 6.58 -19.24 -8.65
C TYR A 114 5.10 -18.95 -8.88
N HIS A 115 4.66 -19.25 -10.10
CA HIS A 115 3.30 -18.98 -10.54
C HIS A 115 3.09 -19.75 -11.83
N GLN A 116 2.35 -20.85 -11.76
CA GLN A 116 2.28 -21.81 -12.84
C GLN A 116 0.83 -22.12 -13.16
N TYR A 117 0.55 -22.32 -14.45
CA TYR A 117 -0.75 -22.76 -14.92
C TYR A 117 -0.63 -24.16 -15.52
N ALA A 118 -1.78 -24.81 -15.65
CA ALA A 118 -1.84 -26.13 -16.28
C ALA A 118 -3.24 -26.34 -16.84
N TYR A 119 -3.31 -26.94 -18.02
CA TYR A 119 -4.58 -27.28 -18.66
C TYR A 119 -4.70 -28.79 -18.76
N ASP A 120 -5.80 -29.33 -18.26
CA ASP A 120 -6.10 -30.76 -18.36
C ASP A 120 -4.95 -31.59 -17.80
N GLY A 121 -4.42 -31.15 -16.67
CA GLY A 121 -3.41 -31.90 -15.96
C GLY A 121 -1.99 -31.72 -16.47
N LYS A 122 -1.80 -30.97 -17.55
CA LYS A 122 -0.49 -30.81 -18.17
C LYS A 122 0.02 -29.40 -17.93
N ASP A 123 1.33 -29.29 -17.72
CA ASP A 123 1.95 -27.99 -17.50
C ASP A 123 1.71 -27.10 -18.72
N TYR A 124 1.11 -25.92 -18.49
CA TYR A 124 0.71 -25.02 -19.57
C TYR A 124 1.67 -23.84 -19.73
N ILE A 125 1.82 -23.02 -18.69
CA ILE A 125 2.73 -21.89 -18.74
C ILE A 125 3.26 -21.65 -17.33
N ALA A 126 4.50 -21.19 -17.24
CA ALA A 126 5.18 -21.09 -15.95
C ALA A 126 6.06 -19.84 -15.91
N LEU A 127 6.00 -19.15 -14.77
CA LEU A 127 6.91 -18.05 -14.49
C LEU A 127 8.26 -18.61 -14.05
N LYS A 128 9.33 -17.98 -14.54
CA LYS A 128 10.66 -18.52 -14.35
C LYS A 128 11.20 -18.22 -12.95
N GLU A 129 12.40 -18.75 -12.68
CA GLU A 129 13.06 -18.49 -11.41
C GLU A 129 13.38 -17.01 -11.25
N ASP A 130 13.84 -16.37 -12.33
CA ASP A 130 14.18 -14.96 -12.26
C ASP A 130 12.97 -14.05 -12.26
N LEU A 131 11.76 -14.60 -12.41
CA LEU A 131 10.52 -13.84 -12.27
C LEU A 131 10.41 -12.74 -13.33
N ARG A 132 10.72 -13.10 -14.58
CA ARG A 132 10.67 -12.12 -15.68
C ARG A 132 10.24 -12.79 -16.98
N SER A 133 10.85 -13.92 -17.32
CA SER A 133 10.49 -14.65 -18.52
C SER A 133 9.39 -15.66 -18.22
N TRP A 134 8.91 -16.33 -19.26
CA TRP A 134 7.88 -17.34 -19.15
C TRP A 134 8.27 -18.60 -19.89
N THR A 135 7.91 -19.75 -19.31
CA THR A 135 7.98 -21.03 -20.01
C THR A 135 6.59 -21.34 -20.55
N ALA A 136 6.46 -21.39 -21.87
CA ALA A 136 5.19 -21.68 -22.53
C ALA A 136 5.35 -22.96 -23.33
N ALA A 137 4.57 -23.98 -22.98
CA ALA A 137 4.79 -25.32 -23.52
C ALA A 137 4.59 -25.35 -25.03
N ASP A 138 3.40 -24.98 -25.50
CA ASP A 138 2.98 -25.26 -26.86
C ASP A 138 2.44 -23.99 -27.52
N MET A 139 2.02 -24.16 -28.78
CA MET A 139 1.30 -23.15 -29.54
C MET A 139 0.38 -22.31 -28.66
N ALA A 140 -0.49 -22.97 -27.90
CA ALA A 140 -1.52 -22.25 -27.16
C ALA A 140 -0.90 -21.34 -26.11
N ALA A 141 0.14 -21.82 -25.41
CA ALA A 141 0.71 -21.03 -24.33
C ALA A 141 1.51 -19.84 -24.88
N GLN A 142 2.08 -19.97 -26.07
CA GLN A 142 2.69 -18.81 -26.73
C GLN A 142 1.68 -17.70 -26.91
N THR A 143 0.43 -18.05 -27.24
CA THR A 143 -0.61 -17.04 -27.38
C THR A 143 -0.95 -16.39 -26.05
N THR A 144 -0.77 -17.11 -24.95
CA THR A 144 -0.94 -16.51 -23.63
C THR A 144 0.28 -15.70 -23.24
N LYS A 145 1.47 -16.24 -23.50
CA LYS A 145 2.70 -15.55 -23.14
C LYS A 145 2.75 -14.16 -23.76
N HIS A 146 2.40 -14.06 -25.04
CA HIS A 146 2.46 -12.77 -25.73
C HIS A 146 1.58 -11.75 -25.04
N LYS A 147 0.34 -12.13 -24.71
CA LYS A 147 -0.56 -11.20 -24.03
C LYS A 147 -0.01 -10.81 -22.66
N TRP A 148 0.71 -11.72 -22.00
CA TRP A 148 1.24 -11.43 -20.66
C TRP A 148 2.53 -10.63 -20.69
N GLU A 149 3.19 -10.54 -21.85
CA GLU A 149 4.27 -9.58 -22.00
C GLU A 149 3.72 -8.20 -22.36
N ALA A 150 2.66 -8.16 -23.17
CA ALA A 150 1.99 -6.90 -23.45
C ALA A 150 1.43 -6.28 -22.18
N ALA A 151 0.80 -7.10 -21.33
CA ALA A 151 0.15 -6.63 -20.12
C ALA A 151 1.08 -6.64 -18.91
N HIS A 152 2.40 -6.73 -19.14
CA HIS A 152 3.42 -6.69 -18.09
C HIS A 152 2.96 -7.45 -16.85
N VAL A 153 2.63 -8.72 -17.08
CA VAL A 153 2.14 -9.57 -16.00
C VAL A 153 3.29 -10.03 -15.11
N ALA A 154 4.39 -10.48 -15.73
CA ALA A 154 5.53 -10.94 -14.95
C ALA A 154 5.97 -9.90 -13.94
N GLU A 155 5.88 -8.62 -14.31
CA GLU A 155 6.32 -7.56 -13.40
C GLU A 155 5.32 -7.37 -12.26
N GLN A 156 4.02 -7.54 -12.54
CA GLN A 156 3.03 -7.53 -11.47
C GLN A 156 3.32 -8.63 -10.47
N LEU A 157 3.61 -9.83 -10.95
CA LEU A 157 3.86 -10.96 -10.05
C LEU A 157 5.15 -10.77 -9.27
N ARG A 158 6.22 -10.32 -9.94
CA ARG A 158 7.48 -10.10 -9.24
C ARG A 158 7.30 -9.16 -8.06
N ALA A 159 6.52 -8.09 -8.25
CA ALA A 159 6.27 -7.17 -7.15
C ALA A 159 5.45 -7.81 -6.06
N TYR A 160 4.53 -8.71 -6.41
CA TYR A 160 3.73 -9.40 -5.39
C TYR A 160 4.57 -10.41 -4.62
N LEU A 161 5.33 -11.24 -5.35
CA LEU A 161 6.09 -12.32 -4.71
C LEU A 161 7.21 -11.77 -3.84
N GLU A 162 8.00 -10.84 -4.36
CA GLU A 162 9.08 -10.26 -3.56
C GLU A 162 8.56 -9.26 -2.54
N GLY A 163 7.32 -8.80 -2.69
CA GLY A 163 6.77 -7.83 -1.78
C GLY A 163 5.64 -8.37 -0.93
N THR A 164 4.40 -8.25 -1.42
CA THR A 164 3.26 -8.48 -0.54
C THR A 164 3.12 -9.95 -0.16
N CYS A 165 3.62 -10.87 -0.99
CA CYS A 165 3.51 -12.28 -0.64
C CYS A 165 4.26 -12.58 0.66
N VAL A 166 5.57 -12.33 0.67
CA VAL A 166 6.36 -12.61 1.87
C VAL A 166 5.92 -11.72 3.02
N GLU A 167 5.50 -10.49 2.73
CA GLU A 167 5.06 -9.60 3.79
C GLU A 167 3.93 -10.22 4.60
N TRP A 168 3.02 -10.92 3.93
CA TRP A 168 1.88 -11.50 4.61
C TRP A 168 2.11 -12.92 5.06
N LEU A 169 3.04 -13.64 4.43
CA LEU A 169 3.50 -14.89 5.02
C LEU A 169 4.15 -14.65 6.37
N ARG A 170 4.96 -13.59 6.47
CA ARG A 170 5.56 -13.22 7.74
C ARG A 170 4.50 -12.89 8.78
N ARG A 171 3.44 -12.18 8.37
CA ARG A 171 2.34 -11.94 9.29
C ARG A 171 1.75 -13.25 9.76
N TYR A 172 1.31 -14.09 8.82
CA TYR A 172 0.65 -15.33 9.15
C TYR A 172 1.50 -16.20 10.07
N LEU A 173 2.83 -16.18 9.90
CA LEU A 173 3.68 -17.02 10.71
C LEU A 173 3.63 -16.61 12.18
N GLU A 174 3.88 -15.33 12.47
CA GLU A 174 3.93 -14.90 13.86
C GLU A 174 2.54 -14.89 14.49
N ASN A 175 1.48 -14.74 13.68
CA ASN A 175 0.13 -14.87 14.21
C ASN A 175 -0.17 -16.32 14.59
N GLY A 176 0.18 -17.26 13.69
CA GLY A 176 0.02 -18.68 13.97
C GLY A 176 1.30 -19.30 14.46
N LYS A 177 2.09 -18.53 15.22
CA LYS A 177 3.36 -19.01 15.74
C LYS A 177 3.20 -20.38 16.41
N GLU A 178 2.22 -20.49 17.30
CA GLU A 178 1.94 -21.77 17.94
C GLU A 178 1.87 -22.89 16.91
N THR A 179 1.07 -22.68 15.85
CA THR A 179 0.81 -23.76 14.89
C THR A 179 1.97 -23.92 13.92
N LEU A 180 2.34 -22.84 13.22
CA LEU A 180 3.19 -22.97 12.04
C LEU A 180 4.67 -23.14 12.39
N GLN A 181 5.13 -22.55 13.49
CA GLN A 181 6.55 -22.61 13.84
C GLN A 181 6.86 -23.74 14.80
N ARG A 182 5.94 -24.68 14.98
CA ARG A 182 6.23 -25.85 15.78
C ARG A 182 6.90 -26.92 14.93
N THR A 183 7.49 -27.91 15.61
CA THR A 183 7.91 -29.14 14.94
C THR A 183 7.57 -30.29 15.89
N ASP A 184 6.39 -30.87 15.70
CA ASP A 184 6.02 -32.10 16.39
C ASP A 184 6.76 -33.28 15.78
N ALA A 185 7.50 -34.02 16.60
CA ALA A 185 8.28 -35.11 16.06
C ALA A 185 7.51 -36.43 16.10
N PRO A 186 7.80 -37.37 15.20
CA PRO A 186 6.92 -38.54 15.06
C PRO A 186 7.05 -39.52 16.22
N LYS A 187 5.90 -39.95 16.73
CA LYS A 187 5.83 -41.18 17.52
C LYS A 187 5.99 -42.37 16.58
N THR A 188 6.99 -43.21 16.84
CA THR A 188 7.37 -44.28 15.92
C THR A 188 7.25 -45.64 16.61
N HIS A 189 6.55 -46.56 15.96
CA HIS A 189 6.52 -47.95 16.36
C HIS A 189 6.59 -48.83 15.12
N MET A 190 6.74 -50.13 15.35
CA MET A 190 6.87 -51.10 14.27
C MET A 190 5.95 -52.28 14.55
N THR A 191 5.24 -52.74 13.53
CA THR A 191 4.34 -53.88 13.64
C THR A 191 4.86 -55.07 12.85
N HIS A 192 4.70 -56.25 13.44
CA HIS A 192 5.07 -57.51 12.79
C HIS A 192 3.81 -58.35 12.68
N HIS A 193 3.42 -58.70 11.45
CA HIS A 193 2.24 -59.51 11.25
C HIS A 193 2.45 -60.40 10.03
N ALA A 194 1.89 -61.61 10.08
CA ALA A 194 2.00 -62.56 9.00
C ALA A 194 0.69 -63.33 8.86
N VAL A 195 0.49 -63.90 7.68
CA VAL A 195 -0.62 -64.79 7.41
C VAL A 195 -0.14 -66.22 7.16
N SER A 196 0.92 -66.37 6.37
CA SER A 196 1.52 -67.67 6.14
C SER A 196 2.78 -67.80 7.00
N ASP A 197 3.55 -68.87 6.77
CA ASP A 197 4.84 -69.05 7.43
C ASP A 197 6.01 -68.65 6.54
N HIS A 198 5.83 -68.62 5.23
CA HIS A 198 6.92 -68.29 4.33
C HIS A 198 7.51 -66.91 4.63
N GLU A 199 6.70 -65.99 5.13
CA GLU A 199 7.16 -64.62 5.29
C GLU A 199 6.20 -63.85 6.18
N ALA A 200 6.75 -62.87 6.89
CA ALA A 200 5.98 -61.88 7.62
C ALA A 200 6.25 -60.51 7.03
N THR A 201 5.33 -59.57 7.27
CA THR A 201 5.47 -58.20 6.78
C THR A 201 5.81 -57.29 7.94
N LEU A 202 6.95 -56.59 7.83
CA LEU A 202 7.38 -55.62 8.82
C LEU A 202 6.97 -54.24 8.35
N ARG A 203 6.16 -53.55 9.15
CA ARG A 203 5.71 -52.21 8.84
C ARG A 203 6.23 -51.23 9.87
N CYS A 204 6.72 -50.08 9.40
CA CYS A 204 7.39 -49.09 10.23
C CYS A 204 6.55 -47.82 10.24
N TRP A 205 6.01 -47.47 11.41
CA TRP A 205 5.05 -46.38 11.54
C TRP A 205 5.72 -45.10 12.01
N ALA A 206 5.11 -43.97 11.65
CA ALA A 206 5.53 -42.65 12.13
C ALA A 206 4.30 -41.78 12.17
N LEU A 207 3.85 -41.41 13.38
CA LEU A 207 2.54 -40.80 13.56
C LEU A 207 2.66 -39.38 14.12
N SER A 208 1.56 -38.64 13.99
CA SER A 208 1.42 -37.27 14.44
C SER A 208 2.73 -36.50 14.50
N PHE A 209 3.15 -35.95 13.36
CA PHE A 209 4.37 -35.16 13.28
C PHE A 209 4.16 -34.00 12.32
N TYR A 210 4.81 -32.88 12.61
CA TYR A 210 4.71 -31.68 11.78
C TYR A 210 6.10 -31.10 11.57
N PRO A 211 6.42 -30.67 10.32
CA PRO A 211 5.61 -30.72 9.10
C PRO A 211 5.57 -32.12 8.48
N ALA A 212 4.97 -32.22 7.29
CA ALA A 212 4.79 -33.49 6.61
C ALA A 212 6.10 -34.07 6.08
N GLU A 213 7.10 -33.23 5.83
CA GLU A 213 8.36 -33.70 5.25
C GLU A 213 9.00 -34.75 6.15
N ILE A 214 9.16 -35.96 5.63
CA ILE A 214 9.73 -37.07 6.39
C ILE A 214 10.27 -38.11 5.41
N THR A 215 11.26 -38.88 5.86
CA THR A 215 11.86 -39.94 5.06
C THR A 215 11.83 -41.26 5.82
N LEU A 216 11.43 -42.33 5.12
CA LEU A 216 11.38 -43.66 5.67
C LEU A 216 12.04 -44.63 4.70
N THR A 217 13.07 -45.35 5.17
CA THR A 217 13.80 -46.27 4.33
C THR A 217 14.20 -47.50 5.14
N TRP A 218 14.17 -48.67 4.49
CA TRP A 218 14.66 -49.90 5.08
C TRP A 218 16.06 -50.22 4.57
N GLN A 219 16.65 -51.28 5.10
CA GLN A 219 17.99 -51.67 4.68
C GLN A 219 18.33 -53.05 5.24
N ARG A 220 19.30 -53.70 4.62
CA ARG A 220 19.88 -54.94 5.12
C ARG A 220 21.35 -54.68 5.43
N ASP A 221 21.60 -53.95 6.52
CA ASP A 221 22.96 -53.59 6.93
C ASP A 221 23.59 -52.63 5.93
N GLY A 222 23.02 -51.44 5.80
CA GLY A 222 23.60 -50.38 5.01
C GLY A 222 23.12 -50.32 3.56
N GLU A 223 22.74 -51.46 2.99
CA GLU A 223 22.30 -51.49 1.60
C GLU A 223 20.84 -51.04 1.51
N ASP A 224 20.55 -50.13 0.59
CA ASP A 224 19.21 -49.59 0.46
C ASP A 224 18.26 -50.68 -0.02
N GLN A 225 17.27 -51.01 0.81
CA GLN A 225 16.20 -51.91 0.41
C GLN A 225 14.97 -51.12 -0.04
N THR A 226 15.18 -50.32 -1.07
CA THR A 226 14.07 -49.68 -1.79
C THR A 226 13.57 -50.61 -2.90
N GLN A 227 13.22 -51.82 -2.46
CA GLN A 227 12.90 -52.93 -3.35
C GLN A 227 11.49 -53.43 -3.05
N ASP A 228 11.36 -54.29 -2.05
CA ASP A 228 10.05 -54.57 -1.48
C ASP A 228 9.64 -53.43 -0.54
N THR A 229 9.53 -52.25 -1.13
CA THR A 229 9.48 -51.01 -0.38
C THR A 229 8.09 -50.39 -0.41
N GLU A 230 7.09 -51.12 0.04
CA GLU A 230 5.73 -50.57 0.03
C GLU A 230 5.70 -49.30 0.88
N LEU A 231 5.47 -48.17 0.23
CA LEU A 231 5.61 -46.85 0.83
C LEU A 231 4.36 -46.05 0.49
N VAL A 232 3.58 -45.69 1.51
CA VAL A 232 2.33 -44.97 1.31
C VAL A 232 2.58 -43.48 1.42
N GLU A 233 1.76 -42.70 0.72
CA GLU A 233 1.93 -41.26 0.68
C GLU A 233 1.74 -40.67 2.07
N THR A 234 2.55 -39.67 2.40
CA THR A 234 2.37 -38.96 3.66
C THR A 234 0.95 -38.40 3.72
N ARG A 235 0.19 -38.84 4.72
CA ARG A 235 -1.22 -38.50 4.78
C ARG A 235 -1.52 -37.65 6.00
N PRO A 236 -2.60 -36.87 5.96
CA PRO A 236 -2.97 -36.07 7.14
C PRO A 236 -3.77 -36.86 8.15
N ALA A 237 -3.49 -36.60 9.43
CA ALA A 237 -4.29 -37.18 10.50
C ALA A 237 -5.64 -36.50 10.62
N GLY A 238 -5.70 -35.20 10.29
CA GLY A 238 -6.88 -34.39 10.49
C GLY A 238 -6.75 -33.41 11.63
N ASP A 239 -5.84 -33.65 12.57
CA ASP A 239 -5.60 -32.74 13.69
C ASP A 239 -4.41 -31.83 13.44
N GLY A 240 -4.03 -31.63 12.19
CA GLY A 240 -2.89 -30.79 11.87
C GLY A 240 -1.55 -31.49 11.88
N THR A 241 -1.54 -32.81 12.03
CA THR A 241 -0.31 -33.59 11.96
C THR A 241 -0.43 -34.59 10.81
N PHE A 242 0.62 -35.40 10.63
CA PHE A 242 0.74 -36.25 9.46
C PHE A 242 1.16 -37.65 9.86
N GLN A 243 0.96 -38.58 8.92
CA GLN A 243 1.24 -40.00 9.12
C GLN A 243 1.93 -40.55 7.88
N LYS A 244 2.72 -41.59 8.10
CA LYS A 244 3.36 -42.32 7.01
C LYS A 244 3.91 -43.62 7.57
N TRP A 245 3.89 -44.67 6.75
CA TRP A 245 4.59 -45.90 7.10
C TRP A 245 5.25 -46.49 5.86
N ALA A 246 6.31 -47.26 6.10
CA ALA A 246 7.07 -47.94 5.06
C ALA A 246 7.20 -49.40 5.46
N ALA A 247 6.82 -50.30 4.56
CA ALA A 247 6.72 -51.72 4.88
C ALA A 247 7.63 -52.55 4.00
N VAL A 248 8.08 -53.67 4.56
CA VAL A 248 8.77 -54.72 3.82
C VAL A 248 8.12 -56.04 4.19
N VAL A 249 8.13 -56.98 3.23
CA VAL A 249 7.80 -58.37 3.50
C VAL A 249 9.11 -59.14 3.49
N VAL A 250 9.33 -59.93 4.54
CA VAL A 250 10.67 -60.46 4.83
C VAL A 250 10.57 -61.95 5.16
N PRO A 251 11.50 -62.78 4.68
CA PRO A 251 11.50 -64.19 5.09
C PRO A 251 11.54 -64.35 6.60
N SER A 252 10.78 -65.33 7.08
CA SER A 252 10.61 -65.54 8.52
C SER A 252 11.96 -65.59 9.22
N GLY A 253 11.95 -65.14 10.48
CA GLY A 253 13.09 -65.25 11.36
C GLY A 253 14.29 -64.39 10.98
N GLN A 254 14.15 -63.49 10.02
CA GLN A 254 15.22 -62.61 9.58
C GLN A 254 14.84 -61.15 9.81
N GLU A 255 14.24 -60.89 10.96
CA GLU A 255 13.93 -59.53 11.38
C GLU A 255 15.10 -58.84 12.06
N GLN A 256 16.14 -59.61 12.42
CA GLN A 256 17.33 -59.03 13.04
C GLN A 256 18.02 -58.04 12.12
N ARG A 257 18.28 -58.44 10.86
CA ARG A 257 19.07 -57.62 9.96
C ARG A 257 18.31 -56.43 9.40
N TYR A 258 16.99 -56.40 9.55
CA TYR A 258 16.18 -55.32 9.00
C TYR A 258 16.00 -54.20 10.00
N THR A 259 16.27 -52.97 9.57
CA THR A 259 16.05 -51.78 10.40
C THR A 259 15.40 -50.71 9.54
N CYS A 260 14.64 -49.83 10.19
CA CYS A 260 13.92 -48.75 9.55
C CYS A 260 14.46 -47.41 10.04
N HIS A 261 14.90 -46.57 9.12
CA HIS A 261 15.46 -45.25 9.43
C HIS A 261 14.39 -44.17 9.31
N VAL A 262 14.21 -43.41 10.38
CA VAL A 262 13.29 -42.28 10.39
C VAL A 262 14.13 -41.00 10.43
N GLN A 263 13.82 -40.06 9.54
CA GLN A 263 14.54 -38.78 9.48
C GLN A 263 13.52 -37.65 9.46
N HIS A 264 13.63 -36.74 10.42
CA HIS A 264 12.65 -35.68 10.56
C HIS A 264 13.28 -34.47 11.24
N GLU A 265 12.62 -33.33 11.08
CA GLU A 265 13.13 -32.08 11.63
C GLU A 265 13.04 -32.04 13.15
N GLY A 266 12.15 -32.80 13.76
CA GLY A 266 12.01 -32.83 15.19
C GLY A 266 12.83 -33.88 15.90
N LEU A 267 13.59 -34.68 15.16
CA LEU A 267 14.38 -35.75 15.73
C LEU A 267 15.81 -35.28 15.93
N PRO A 268 16.34 -35.25 17.17
CA PRO A 268 17.76 -34.89 17.33
C PRO A 268 18.65 -35.79 16.47
N LYS A 269 18.80 -37.07 16.88
CA LYS A 269 19.41 -38.06 16.01
C LYS A 269 18.35 -38.72 15.14
N PRO A 270 18.60 -38.94 13.85
CA PRO A 270 17.74 -39.84 13.09
C PRO A 270 17.52 -41.15 13.83
N LEU A 271 16.26 -41.56 13.94
CA LEU A 271 15.85 -42.63 14.83
C LEU A 271 15.76 -43.96 14.07
N THR A 272 16.38 -45.00 14.63
CA THR A 272 16.42 -46.32 14.04
C THR A 272 15.72 -47.32 14.97
N LEU A 273 15.06 -48.31 14.38
CA LEU A 273 14.35 -49.32 15.16
C LEU A 273 14.24 -50.61 14.37
N ARG A 274 14.12 -51.72 15.09
CA ARG A 274 13.87 -53.02 14.52
C ARG A 274 12.87 -53.77 15.40
N TRP A 275 12.43 -54.93 14.92
CA TRP A 275 11.40 -55.68 15.62
C TRP A 275 11.93 -56.29 16.91
N GLU A 276 11.04 -56.39 17.91
CA GLU A 276 11.41 -56.92 19.20
C GLU A 276 10.51 -58.09 19.61
N ILE B 2 -5.41 -36.79 -20.43
CA ILE B 2 -4.69 -37.83 -19.63
C ILE B 2 -5.32 -37.97 -18.25
N GLN B 3 -5.26 -39.19 -17.72
CA GLN B 3 -5.99 -39.57 -16.50
C GLN B 3 -5.06 -40.26 -15.52
N ARG B 4 -5.42 -40.14 -14.25
CA ARG B 4 -4.71 -40.82 -13.16
C ARG B 4 -5.73 -41.25 -12.11
N THR B 5 -5.64 -42.51 -11.69
CA THR B 5 -6.58 -43.07 -10.73
C THR B 5 -6.18 -42.67 -9.30
N PRO B 6 -7.13 -42.71 -8.36
CA PRO B 6 -6.82 -42.22 -7.01
C PRO B 6 -6.14 -43.28 -6.15
N LYS B 7 -5.13 -42.83 -5.39
CA LYS B 7 -4.58 -43.62 -4.31
C LYS B 7 -5.47 -43.43 -3.09
N ILE B 8 -6.01 -44.52 -2.57
CA ILE B 8 -6.98 -44.48 -1.47
C ILE B 8 -6.31 -44.99 -0.21
N GLN B 9 -6.60 -44.32 0.92
CA GLN B 9 -6.13 -44.78 2.21
C GLN B 9 -7.25 -44.60 3.23
N VAL B 10 -7.60 -45.69 3.91
CA VAL B 10 -8.59 -45.66 4.99
C VAL B 10 -7.86 -45.97 6.28
N TYR B 11 -8.05 -45.10 7.28
CA TYR B 11 -7.23 -45.14 8.48
C TYR B 11 -7.85 -44.19 9.50
N SER B 12 -7.42 -44.32 10.74
CA SER B 12 -7.97 -43.54 11.84
C SER B 12 -7.01 -42.42 12.24
N ARG B 13 -7.59 -41.38 12.85
CA ARG B 13 -6.77 -40.23 13.26
C ARG B 13 -5.77 -40.63 14.33
N HIS B 14 -6.24 -41.25 15.40
CA HIS B 14 -5.39 -41.77 16.46
C HIS B 14 -5.40 -43.29 16.44
N PRO B 15 -4.37 -43.94 16.97
CA PRO B 15 -4.36 -45.41 16.95
C PRO B 15 -5.61 -45.97 17.63
N ALA B 16 -6.32 -46.83 16.90
CA ALA B 16 -7.67 -47.22 17.29
C ALA B 16 -7.69 -47.91 18.65
N GLU B 17 -8.79 -47.72 19.37
CA GLU B 17 -9.03 -48.39 20.63
C GLU B 17 -10.53 -48.53 20.81
N ASN B 18 -11.00 -49.76 20.99
CA ASN B 18 -12.44 -50.04 20.96
C ASN B 18 -13.16 -49.27 22.06
N GLY B 19 -14.23 -48.58 21.67
CA GLY B 19 -15.01 -47.78 22.60
C GLY B 19 -14.41 -46.42 22.92
N LYS B 20 -13.38 -45.99 22.20
CA LYS B 20 -12.75 -44.69 22.42
C LYS B 20 -12.87 -43.90 21.13
N SER B 21 -13.71 -42.86 21.16
CA SER B 21 -13.96 -42.01 20.00
C SER B 21 -12.68 -41.71 19.23
N ASN B 22 -12.81 -41.71 17.91
CA ASN B 22 -11.70 -41.45 17.00
C ASN B 22 -12.25 -40.67 15.82
N PHE B 23 -11.46 -40.57 14.75
CA PHE B 23 -11.94 -40.03 13.48
C PHE B 23 -11.50 -40.97 12.38
N LEU B 24 -12.43 -41.36 11.50
CA LEU B 24 -12.15 -42.28 10.41
C LEU B 24 -11.88 -41.47 9.15
N ASN B 25 -10.64 -41.52 8.67
CA ASN B 25 -10.22 -40.76 7.50
C ASN B 25 -10.25 -41.64 6.25
N CYS B 26 -10.57 -41.02 5.12
CA CYS B 26 -10.31 -41.59 3.80
C CYS B 26 -9.61 -40.54 2.97
N TYR B 27 -8.38 -40.82 2.56
CA TYR B 27 -7.51 -39.86 1.88
C TYR B 27 -7.31 -40.31 0.45
N VAL B 28 -7.92 -39.60 -0.50
CA VAL B 28 -7.80 -39.89 -1.91
C VAL B 28 -6.84 -38.88 -2.52
N SER B 29 -5.74 -39.36 -3.07
CA SER B 29 -4.64 -38.53 -3.51
C SER B 29 -4.20 -38.93 -4.91
N GLY B 30 -3.50 -38.01 -5.57
CA GLY B 30 -2.85 -38.31 -6.83
C GLY B 30 -3.78 -38.70 -7.96
N PHE B 31 -4.96 -38.09 -8.03
CA PHE B 31 -5.95 -38.43 -9.05
C PHE B 31 -6.25 -37.23 -9.93
N HIS B 32 -6.72 -37.54 -11.15
CA HIS B 32 -6.99 -36.52 -12.16
C HIS B 32 -7.84 -37.16 -13.26
N PRO B 33 -8.98 -36.54 -13.62
CA PRO B 33 -9.52 -35.25 -13.20
C PRO B 33 -10.16 -35.27 -11.82
N SER B 34 -10.82 -34.17 -11.44
CA SER B 34 -11.20 -33.96 -10.05
C SER B 34 -12.54 -34.55 -9.68
N ASP B 35 -13.45 -34.71 -10.65
CA ASP B 35 -14.77 -35.24 -10.32
C ASP B 35 -14.63 -36.61 -9.66
N ILE B 36 -14.77 -36.65 -8.34
CA ILE B 36 -14.61 -37.87 -7.56
C ILE B 36 -15.72 -37.93 -6.52
N GLU B 37 -16.11 -39.14 -6.16
CA GLU B 37 -17.15 -39.37 -5.17
C GLU B 37 -16.62 -40.31 -4.11
N VAL B 38 -16.77 -39.94 -2.85
CA VAL B 38 -16.28 -40.73 -1.73
C VAL B 38 -17.38 -40.85 -0.68
N ASP B 39 -17.55 -42.06 -0.15
CA ASP B 39 -18.48 -42.32 0.93
C ASP B 39 -17.81 -43.26 1.92
N LEU B 40 -17.83 -42.90 3.20
CA LEU B 40 -17.40 -43.82 4.24
C LEU B 40 -18.56 -44.74 4.61
N LEU B 41 -18.22 -45.99 4.92
CA LEU B 41 -19.22 -47.02 5.17
C LEU B 41 -19.07 -47.57 6.58
N LYS B 42 -20.21 -47.75 7.26
CA LYS B 42 -20.28 -48.47 8.52
C LYS B 42 -21.09 -49.73 8.29
N ASN B 43 -20.41 -50.88 8.23
CA ASN B 43 -21.05 -52.16 7.91
C ASN B 43 -21.74 -52.10 6.55
N GLY B 44 -21.02 -51.54 5.58
CA GLY B 44 -21.51 -51.51 4.20
C GLY B 44 -22.67 -50.58 3.95
N GLU B 45 -22.89 -49.61 4.83
CA GLU B 45 -23.95 -48.64 4.67
C GLU B 45 -23.37 -47.24 4.81
N ARG B 46 -23.88 -46.32 4.01
CA ARG B 46 -23.30 -44.98 3.94
C ARG B 46 -23.51 -44.22 5.24
N ILE B 47 -22.43 -43.65 5.77
CA ILE B 47 -22.51 -42.72 6.89
C ILE B 47 -22.94 -41.36 6.37
N GLU B 48 -23.76 -40.66 7.16
CA GLU B 48 -24.38 -39.41 6.73
C GLU B 48 -23.49 -38.19 6.94
N LYS B 49 -23.09 -37.95 8.19
CA LYS B 49 -22.42 -36.70 8.56
C LYS B 49 -20.93 -36.79 8.27
N VAL B 50 -20.63 -36.81 6.97
CA VAL B 50 -19.24 -36.92 6.50
C VAL B 50 -18.80 -35.54 6.02
N GLU B 51 -17.83 -34.97 6.73
CA GLU B 51 -17.18 -33.74 6.31
C GLU B 51 -15.96 -34.10 5.45
N HIS B 52 -15.40 -33.09 4.79
CA HIS B 52 -14.21 -33.35 3.97
C HIS B 52 -13.49 -32.05 3.65
N SER B 53 -12.22 -32.21 3.27
CA SER B 53 -11.35 -31.07 3.00
C SER B 53 -11.69 -30.42 1.67
N ASP B 54 -11.20 -29.21 1.48
CA ASP B 54 -11.41 -28.49 0.24
C ASP B 54 -10.42 -28.95 -0.80
N LEU B 55 -10.87 -29.00 -2.05
CA LEU B 55 -10.06 -29.56 -3.12
C LEU B 55 -8.78 -28.76 -3.31
N SER B 56 -7.69 -29.47 -3.58
CA SER B 56 -6.35 -28.91 -3.69
C SER B 56 -5.51 -29.93 -4.44
N PHE B 57 -4.25 -29.59 -4.70
CA PHE B 57 -3.42 -30.49 -5.50
C PHE B 57 -1.94 -30.29 -5.17
N SER B 58 -1.13 -31.21 -5.70
CA SER B 58 0.29 -31.32 -5.43
C SER B 58 1.08 -30.65 -6.55
N LYS B 59 2.41 -30.75 -6.47
CA LYS B 59 3.27 -30.09 -7.45
C LYS B 59 3.16 -30.72 -8.83
N ASP B 60 2.75 -31.97 -8.93
CA ASP B 60 2.51 -32.61 -10.22
C ASP B 60 1.09 -32.40 -10.71
N TRP B 61 0.34 -31.51 -10.08
CA TRP B 61 -1.00 -31.08 -10.50
C TRP B 61 -2.07 -32.10 -10.14
N SER B 62 -1.75 -33.16 -9.41
CA SER B 62 -2.74 -34.17 -9.05
C SER B 62 -3.50 -33.73 -7.80
N PHE B 63 -4.79 -34.05 -7.77
CA PHE B 63 -5.66 -33.61 -6.70
C PHE B 63 -5.56 -34.55 -5.50
N TYR B 64 -5.86 -34.01 -4.32
CA TYR B 64 -6.05 -34.82 -3.12
C TYR B 64 -7.24 -34.26 -2.36
N LEU B 65 -7.75 -35.07 -1.45
CA LEU B 65 -9.03 -34.80 -0.80
C LEU B 65 -9.16 -35.75 0.37
N LEU B 66 -9.60 -35.21 1.50
CA LEU B 66 -9.66 -35.95 2.76
C LEU B 66 -11.09 -35.92 3.28
N TYR B 67 -11.75 -37.08 3.23
CA TYR B 67 -13.06 -37.27 3.85
C TYR B 67 -12.86 -37.89 5.23
N TYR B 68 -13.70 -37.51 6.19
CA TYR B 68 -13.54 -37.97 7.55
C TYR B 68 -14.87 -37.87 8.29
N THR B 69 -14.96 -38.62 9.39
CA THR B 69 -16.10 -38.52 10.28
C THR B 69 -15.71 -39.08 11.65
N GLU B 70 -16.32 -38.51 12.69
CA GLU B 70 -16.11 -39.03 14.03
C GLU B 70 -16.80 -40.38 14.18
N PHE B 71 -16.11 -41.33 14.80
CA PHE B 71 -16.67 -42.67 14.94
C PHE B 71 -16.04 -43.35 16.15
N THR B 72 -16.71 -44.41 16.60
CA THR B 72 -16.28 -45.20 17.74
C THR B 72 -16.04 -46.64 17.28
N PRO B 73 -14.80 -47.12 17.23
CA PRO B 73 -14.54 -48.45 16.69
C PRO B 73 -14.88 -49.54 17.70
N THR B 74 -15.21 -50.71 17.17
CA THR B 74 -15.57 -51.85 18.01
C THR B 74 -14.96 -53.11 17.40
N GLU B 75 -15.10 -54.22 18.12
CA GLU B 75 -14.60 -55.49 17.61
C GLU B 75 -15.25 -55.84 16.27
N LYS B 76 -16.58 -55.76 16.21
CA LYS B 76 -17.32 -56.32 15.11
C LYS B 76 -17.59 -55.32 14.00
N ASP B 77 -17.65 -54.02 14.31
CA ASP B 77 -18.01 -53.04 13.31
C ASP B 77 -17.01 -53.04 12.17
N GLU B 78 -17.53 -52.94 10.95
CA GLU B 78 -16.74 -53.03 9.73
C GLU B 78 -16.87 -51.70 9.00
N TYR B 79 -15.75 -50.99 8.86
CA TYR B 79 -15.73 -49.71 8.18
C TYR B 79 -14.97 -49.83 6.86
N ALA B 80 -15.39 -49.03 5.88
CA ALA B 80 -14.79 -49.05 4.57
C ALA B 80 -14.82 -47.64 3.98
N CYS B 81 -14.29 -47.51 2.77
CA CYS B 81 -14.34 -46.27 2.02
C CYS B 81 -14.60 -46.61 0.57
N ARG B 82 -15.66 -46.05 0.00
CA ARG B 82 -16.08 -46.35 -1.37
C ARG B 82 -15.77 -45.15 -2.24
N VAL B 83 -14.83 -45.32 -3.18
CA VAL B 83 -14.35 -44.26 -4.05
C VAL B 83 -14.83 -44.54 -5.46
N ASN B 84 -15.36 -43.51 -6.12
CA ASN B 84 -15.77 -43.61 -7.52
C ASN B 84 -15.12 -42.49 -8.33
N HIS B 85 -14.73 -42.83 -9.56
CA HIS B 85 -13.91 -41.96 -10.38
C HIS B 85 -14.00 -42.47 -11.81
N VAL B 86 -13.66 -41.62 -12.77
CA VAL B 86 -13.82 -42.01 -14.16
C VAL B 86 -12.76 -43.00 -14.61
N THR B 87 -11.78 -43.31 -13.76
CA THR B 87 -10.77 -44.32 -14.08
C THR B 87 -11.14 -45.70 -13.56
N LEU B 88 -12.30 -45.85 -12.93
CA LEU B 88 -12.70 -47.09 -12.29
C LEU B 88 -13.88 -47.69 -13.03
N SER B 89 -13.80 -49.00 -13.32
CA SER B 89 -14.94 -49.70 -13.89
C SER B 89 -16.10 -49.74 -12.91
N GLN B 90 -15.81 -49.76 -11.61
CA GLN B 90 -16.81 -49.89 -10.57
C GLN B 90 -16.25 -49.22 -9.32
N PRO B 91 -17.10 -48.73 -8.42
CA PRO B 91 -16.58 -48.00 -7.26
C PRO B 91 -15.73 -48.92 -6.39
N LYS B 92 -14.51 -48.47 -6.10
CA LYS B 92 -13.58 -49.27 -5.33
C LYS B 92 -13.83 -49.09 -3.84
N ILE B 93 -13.85 -50.21 -3.10
CA ILE B 93 -14.07 -50.20 -1.66
C ILE B 93 -12.79 -50.65 -0.98
N VAL B 94 -12.26 -49.81 -0.10
CA VAL B 94 -11.09 -50.14 0.70
C VAL B 94 -11.57 -50.34 2.14
N LYS B 95 -11.48 -51.58 2.62
CA LYS B 95 -11.83 -51.86 4.01
C LYS B 95 -10.79 -51.23 4.94
N TRP B 96 -11.24 -50.88 6.15
CA TRP B 96 -10.37 -50.33 7.17
C TRP B 96 -9.78 -51.49 7.97
N ASP B 97 -8.46 -51.64 7.91
CA ASP B 97 -7.72 -52.55 8.78
C ASP B 97 -6.92 -51.69 9.73
N ARG B 98 -7.11 -51.90 11.03
CA ARG B 98 -6.46 -51.05 12.03
C ARG B 98 -4.99 -51.38 12.22
N ASP B 99 -4.44 -52.35 11.47
CA ASP B 99 -3.01 -52.58 11.41
C ASP B 99 -2.39 -51.96 10.16
N MET B 100 -3.09 -51.01 9.54
CA MET B 100 -2.68 -50.47 8.25
C MET B 100 -3.19 -49.04 8.07
N ARG C 1 -2.33 -13.27 1.69
CA ARG C 1 -3.05 -12.28 0.85
C ARG C 1 -2.83 -12.57 -0.64
N MET C 2 -3.93 -12.69 -1.37
CA MET C 2 -3.89 -13.11 -2.77
C MET C 2 -3.16 -12.11 -3.65
N PHE C 3 -2.70 -12.62 -4.79
CA PHE C 3 -2.39 -11.77 -5.93
C PHE C 3 -3.71 -11.21 -6.47
N PRO C 4 -3.83 -9.89 -6.62
CA PRO C 4 -5.16 -9.31 -6.90
C PRO C 4 -5.72 -9.64 -8.27
N ASN C 5 -4.89 -10.03 -9.24
CA ASN C 5 -5.36 -10.21 -10.61
C ASN C 5 -5.42 -11.68 -10.99
N ALA C 6 -6.40 -12.00 -11.83
CA ALA C 6 -6.36 -13.21 -12.66
C ALA C 6 -6.19 -12.76 -14.10
N PRO C 7 -4.99 -12.78 -14.66
CA PRO C 7 -4.82 -12.28 -16.03
C PRO C 7 -5.45 -13.21 -17.04
N TYR C 8 -5.95 -12.62 -18.12
CA TYR C 8 -6.65 -13.40 -19.12
C TYR C 8 -5.67 -14.24 -19.91
N LEU C 9 -6.03 -15.50 -20.14
CA LEU C 9 -5.22 -16.40 -20.96
C LEU C 9 -5.39 -16.03 -22.42
N ALA D 2 -4.52 10.98 -10.78
CA ALA D 2 -4.63 9.60 -10.34
C ALA D 2 -5.89 8.95 -10.90
N VAL D 3 -6.02 7.65 -10.69
CA VAL D 3 -7.21 6.91 -11.12
C VAL D 3 -8.20 6.89 -9.95
N VAL D 4 -7.95 7.71 -8.93
CA VAL D 4 -8.92 8.02 -7.89
C VAL D 4 -9.13 9.53 -7.86
N THR D 5 -10.39 9.94 -7.72
CA THR D 5 -10.82 11.30 -8.04
C THR D 5 -11.60 11.91 -6.89
N GLN D 6 -11.24 13.13 -6.49
CA GLN D 6 -11.94 13.86 -5.44
C GLN D 6 -12.34 15.24 -5.95
N PRO D 7 -13.55 15.71 -5.64
CA PRO D 7 -13.93 17.07 -6.00
C PRO D 7 -13.12 18.08 -5.20
N PRO D 8 -12.58 19.11 -5.85
CA PRO D 8 -11.66 20.01 -5.13
C PRO D 8 -12.33 20.85 -4.05
N SER D 9 -13.63 21.10 -4.15
CA SER D 9 -14.30 22.05 -3.27
C SER D 9 -15.46 21.40 -2.53
N ALA D 10 -15.63 21.78 -1.26
CA ALA D 10 -16.81 21.47 -0.49
C ALA D 10 -17.06 22.61 0.48
N SER D 11 -18.33 22.84 0.81
CA SER D 11 -18.71 24.02 1.57
C SER D 11 -19.89 23.69 2.48
N GLY D 12 -19.97 24.42 3.60
CA GLY D 12 -21.10 24.33 4.50
C GLY D 12 -21.05 25.37 5.60
N THR D 13 -22.19 25.80 6.12
CA THR D 13 -22.22 26.68 7.28
C THR D 13 -22.06 25.87 8.55
N PRO D 14 -21.64 26.50 9.64
CA PRO D 14 -21.44 25.77 10.90
C PRO D 14 -22.68 24.95 11.24
N GLY D 15 -22.46 23.67 11.52
CA GLY D 15 -23.53 22.78 11.92
C GLY D 15 -24.12 21.94 10.81
N GLN D 16 -23.82 22.27 9.55
CA GLN D 16 -24.34 21.51 8.42
C GLN D 16 -23.57 20.20 8.27
N ARG D 17 -24.10 19.35 7.37
CA ARG D 17 -23.44 18.13 6.96
C ARG D 17 -23.00 18.25 5.51
N VAL D 18 -21.79 17.80 5.22
CA VAL D 18 -21.31 17.70 3.84
C VAL D 18 -20.58 16.37 3.69
N THR D 19 -20.93 15.61 2.67
CA THR D 19 -20.13 14.48 2.28
C THR D 19 -19.05 14.94 1.32
N ILE D 20 -17.99 14.14 1.22
CA ILE D 20 -16.90 14.39 0.30
C ILE D 20 -16.73 13.08 -0.48
N SER D 21 -17.17 13.07 -1.73
CA SER D 21 -17.04 11.90 -2.58
C SER D 21 -15.57 11.61 -2.88
N CYS D 22 -15.27 10.34 -3.05
CA CYS D 22 -13.95 9.88 -3.48
C CYS D 22 -14.17 8.68 -4.38
N SER D 23 -13.80 8.83 -5.65
CA SER D 23 -14.32 7.97 -6.73
C SER D 23 -13.16 7.34 -7.48
N GLY D 24 -12.95 6.03 -7.27
CA GLY D 24 -11.87 5.32 -7.90
C GLY D 24 -12.30 4.17 -8.80
N SER D 25 -11.64 3.03 -8.68
CA SER D 25 -11.85 1.93 -9.62
C SER D 25 -11.73 0.59 -8.91
N SER D 26 -11.92 -0.48 -9.68
CA SER D 26 -11.89 -1.83 -9.12
C SER D 26 -10.53 -2.18 -8.55
N SER D 27 -9.47 -1.55 -9.05
CA SER D 27 -8.12 -1.94 -8.63
C SER D 27 -7.66 -1.20 -7.39
N ASN D 28 -8.13 0.03 -7.16
CA ASN D 28 -7.78 0.73 -5.93
C ASN D 28 -8.92 0.62 -4.92
N ILE D 29 -9.89 1.53 -4.98
CA ILE D 29 -10.93 1.53 -3.98
C ILE D 29 -11.78 0.27 -4.04
N GLY D 30 -11.75 -0.45 -5.16
CA GLY D 30 -12.56 -1.63 -5.31
C GLY D 30 -12.16 -2.76 -4.38
N SER D 31 -10.92 -3.23 -4.49
CA SER D 31 -10.49 -4.44 -3.79
C SER D 31 -9.69 -4.16 -2.53
N ASN D 32 -9.37 -2.91 -2.23
CA ASN D 32 -8.53 -2.57 -1.09
C ASN D 32 -9.25 -1.57 -0.19
N THR D 33 -8.72 -1.38 1.01
CA THR D 33 -9.35 -0.51 1.97
C THR D 33 -9.01 0.94 1.70
N VAL D 34 -9.83 1.84 2.22
CA VAL D 34 -9.68 3.28 2.05
C VAL D 34 -9.36 3.91 3.40
N ASN D 35 -8.56 4.97 3.38
CA ASN D 35 -8.27 5.74 4.56
C ASN D 35 -8.30 7.22 4.20
N TRP D 36 -8.66 8.05 5.17
CA TRP D 36 -8.84 9.48 4.96
C TRP D 36 -7.86 10.25 5.83
N TYR D 37 -7.27 11.30 5.27
CA TYR D 37 -6.30 12.13 5.97
C TYR D 37 -6.71 13.59 5.86
N GLN D 38 -6.49 14.33 6.94
CA GLN D 38 -6.89 15.73 7.06
C GLN D 38 -5.64 16.59 7.19
N GLN D 39 -5.61 17.71 6.46
CA GLN D 39 -4.45 18.60 6.44
C GLN D 39 -4.91 20.04 6.64
N VAL D 40 -4.88 20.50 7.89
CA VAL D 40 -5.07 21.91 8.21
C VAL D 40 -3.86 22.61 7.60
N PRO D 41 -4.04 23.62 6.75
CA PRO D 41 -2.92 24.09 5.92
C PRO D 41 -1.81 24.69 6.78
N GLY D 42 -0.58 24.39 6.41
CA GLY D 42 0.57 24.70 7.22
C GLY D 42 0.99 23.60 8.17
N THR D 43 0.38 22.42 8.06
CA THR D 43 0.64 21.30 8.96
C THR D 43 0.79 20.03 8.13
N ALA D 44 1.42 19.03 8.72
CA ALA D 44 1.38 17.71 8.12
C ALA D 44 -0.04 17.16 8.19
N PRO D 45 -0.39 16.22 7.33
CA PRO D 45 -1.73 15.64 7.39
C PRO D 45 -1.85 14.66 8.54
N LYS D 46 -3.10 14.39 8.92
CA LYS D 46 -3.43 13.58 10.08
C LYS D 46 -4.31 12.43 9.63
N LEU D 47 -4.17 11.28 10.29
CA LEU D 47 -5.09 10.18 10.04
C LEU D 47 -6.47 10.53 10.61
N LEU D 48 -7.47 10.53 9.72
CA LEU D 48 -8.83 10.92 10.10
C LEU D 48 -9.75 9.72 10.17
N ILE D 49 -9.86 8.95 9.09
CA ILE D 49 -10.61 7.70 9.07
C ILE D 49 -9.69 6.60 8.56
N TYR D 50 -9.73 5.45 9.21
CA TYR D 50 -8.93 4.30 8.79
C TYR D 50 -9.83 3.08 8.71
N SER D 51 -9.44 2.14 7.85
CA SER D 51 -10.24 0.94 7.62
C SER D 51 -11.61 1.33 7.08
N ASN D 52 -11.62 2.22 6.09
CA ASN D 52 -12.83 2.66 5.43
C ASN D 52 -13.69 3.55 6.30
N ASN D 53 -13.74 3.29 7.61
CA ASN D 53 -14.91 3.73 8.37
C ASN D 53 -14.67 3.84 9.87
N GLN D 54 -13.46 3.55 10.35
CA GLN D 54 -13.14 3.68 11.77
C GLN D 54 -12.58 5.07 12.08
N ARG D 55 -12.51 5.38 13.37
CA ARG D 55 -12.02 6.67 13.85
C ARG D 55 -10.85 6.48 14.81
N PRO D 56 -9.72 7.15 14.59
CA PRO D 56 -8.67 7.17 15.63
C PRO D 56 -9.18 7.82 16.89
N SER D 57 -8.42 7.63 17.97
CA SER D 57 -8.88 8.07 19.29
C SER D 57 -9.16 9.56 19.30
N GLY D 58 -8.33 10.35 18.64
CA GLY D 58 -8.42 11.78 18.75
C GLY D 58 -9.27 12.45 17.69
N VAL D 59 -10.28 11.74 17.15
CA VAL D 59 -11.11 12.25 16.09
C VAL D 59 -12.56 12.16 16.53
N PRO D 60 -13.32 13.26 16.51
CA PRO D 60 -14.69 13.21 17.05
C PRO D 60 -15.64 12.47 16.14
N ASP D 61 -16.78 12.07 16.71
CA ASP D 61 -17.70 11.21 15.97
C ASP D 61 -18.50 11.93 14.91
N ARG D 62 -18.33 13.25 14.76
CA ARG D 62 -18.99 13.92 13.66
C ARG D 62 -18.37 13.55 12.32
N PHE D 63 -17.12 13.08 12.32
CA PHE D 63 -16.51 12.52 11.13
C PHE D 63 -16.88 11.04 11.01
N SER D 64 -17.19 10.61 9.80
CA SER D 64 -17.58 9.22 9.58
C SER D 64 -17.42 8.88 8.11
N GLY D 65 -16.89 7.68 7.85
CA GLY D 65 -16.62 7.28 6.48
C GLY D 65 -17.27 5.98 6.05
N SER D 66 -17.46 5.78 4.74
CA SER D 66 -18.04 4.56 4.21
C SER D 66 -17.35 4.21 2.91
N LYS D 67 -17.83 3.16 2.26
CA LYS D 67 -17.18 2.62 1.07
C LYS D 67 -18.05 1.57 0.41
N SER D 68 -18.56 1.86 -0.78
CA SER D 68 -19.38 0.92 -1.55
C SER D 68 -18.83 0.86 -2.96
N GLY D 69 -18.42 -0.34 -3.37
CA GLY D 69 -17.92 -0.53 -4.71
C GLY D 69 -16.62 0.20 -4.94
N THR D 70 -16.62 1.14 -5.89
CA THR D 70 -15.42 1.89 -6.26
C THR D 70 -15.46 3.31 -5.71
N SER D 71 -16.44 3.63 -4.89
CA SER D 71 -16.58 4.97 -4.33
C SER D 71 -16.57 4.89 -2.81
N ALA D 72 -15.87 5.82 -2.19
CA ALA D 72 -15.88 5.99 -0.75
C ALA D 72 -16.23 7.44 -0.44
N SER D 73 -16.96 7.65 0.66
CA SER D 73 -17.43 8.98 1.03
C SER D 73 -17.07 9.26 2.48
N LEU D 74 -16.52 10.44 2.73
CA LEU D 74 -16.34 10.96 4.07
C LEU D 74 -17.50 11.89 4.38
N ALA D 75 -18.06 11.74 5.58
CA ALA D 75 -19.19 12.56 6.03
C ALA D 75 -18.77 13.36 7.25
N ILE D 76 -18.86 14.68 7.13
CA ILE D 76 -18.62 15.60 8.24
C ILE D 76 -19.99 16.13 8.67
N SER D 77 -20.47 15.68 9.82
CA SER D 77 -21.87 15.85 10.21
C SER D 77 -21.94 16.85 11.37
N GLY D 78 -22.04 18.13 11.03
CA GLY D 78 -22.07 19.18 12.03
C GLY D 78 -20.79 19.97 12.04
N LEU D 79 -20.55 20.75 10.98
CA LEU D 79 -19.26 21.38 10.75
C LEU D 79 -18.88 22.34 11.87
N GLN D 80 -17.57 22.56 12.00
CA GLN D 80 -17.03 23.57 12.89
C GLN D 80 -15.98 24.37 12.13
N SER D 81 -15.63 25.53 12.69
CA SER D 81 -14.55 26.35 12.14
C SER D 81 -13.30 25.52 11.89
N GLU D 82 -12.88 24.74 12.90
CA GLU D 82 -11.62 24.03 12.84
C GLU D 82 -11.57 22.96 11.77
N ASP D 83 -12.69 22.67 11.11
CA ASP D 83 -12.74 21.57 10.17
C ASP D 83 -12.37 21.97 8.74
N GLU D 84 -12.16 23.25 8.45
CA GLU D 84 -11.83 23.64 7.09
C GLU D 84 -10.36 23.32 6.84
N ALA D 85 -10.13 22.37 5.93
CA ALA D 85 -8.80 21.83 5.67
C ALA D 85 -8.88 21.05 4.36
N ASP D 86 -7.73 20.58 3.90
CA ASP D 86 -7.70 19.67 2.76
C ASP D 86 -7.97 18.25 3.24
N TYR D 87 -8.81 17.53 2.50
CA TYR D 87 -9.20 16.17 2.85
C TYR D 87 -8.82 15.22 1.73
N TYR D 88 -8.11 14.15 2.08
CA TYR D 88 -7.56 13.21 1.10
C TYR D 88 -7.97 11.79 1.44
N CYS D 89 -8.60 11.11 0.49
CA CYS D 89 -8.73 9.66 0.55
C CYS D 89 -7.51 9.02 -0.09
N ALA D 90 -7.29 7.75 0.23
CA ALA D 90 -6.09 7.05 -0.24
C ALA D 90 -6.33 5.55 -0.17
N ALA D 91 -6.14 4.86 -1.28
CA ALA D 91 -6.27 3.41 -1.34
C ALA D 91 -5.08 2.82 -2.05
N TRP D 92 -4.71 1.60 -1.65
CA TRP D 92 -3.71 0.84 -2.38
C TRP D 92 -4.24 0.48 -3.76
N ASP D 93 -3.44 0.69 -4.80
CA ASP D 93 -3.82 0.34 -6.16
C ASP D 93 -3.05 -0.90 -6.60
N ASP D 94 -3.78 -1.90 -7.10
CA ASP D 94 -3.15 -3.17 -7.47
C ASP D 94 -2.34 -3.06 -8.75
N SER D 95 -2.71 -2.14 -9.65
CA SER D 95 -1.98 -1.99 -10.90
C SER D 95 -0.63 -1.32 -10.70
N LEU D 96 -0.50 -0.51 -9.64
CA LEU D 96 0.70 0.27 -9.38
C LEU D 96 1.54 -0.28 -8.24
N ASN D 97 1.08 -1.35 -7.58
CA ASN D 97 1.66 -1.80 -6.31
C ASN D 97 2.10 -0.58 -5.51
N GLY D 98 1.15 0.28 -5.18
CA GLY D 98 1.42 1.48 -4.44
C GLY D 98 0.12 2.16 -4.07
N TRP D 99 0.21 3.10 -3.14
CA TRP D 99 -0.95 3.88 -2.76
C TRP D 99 -1.19 4.98 -3.77
N VAL D 100 -2.45 5.36 -3.93
CA VAL D 100 -2.82 6.55 -4.69
C VAL D 100 -3.71 7.40 -3.81
N PHE D 101 -3.34 8.66 -3.66
CA PHE D 101 -4.20 9.64 -3.02
C PHE D 101 -5.10 10.27 -4.08
N GLY D 102 -6.28 10.69 -3.66
CA GLY D 102 -7.06 11.60 -4.46
C GLY D 102 -6.45 12.99 -4.45
N GLY D 103 -6.87 13.80 -5.43
CA GLY D 103 -6.32 15.14 -5.55
C GLY D 103 -6.60 16.03 -4.35
N GLY D 104 -7.50 15.61 -3.47
CA GLY D 104 -7.85 16.37 -2.29
C GLY D 104 -9.14 17.15 -2.48
N THR D 105 -9.76 17.49 -1.36
CA THR D 105 -10.97 18.30 -1.34
C THR D 105 -10.76 19.41 -0.33
N LYS D 106 -10.77 20.65 -0.80
CA LYS D 106 -10.69 21.80 0.09
C LYS D 106 -12.08 22.11 0.64
N LEU D 107 -12.19 22.09 1.96
CA LEU D 107 -13.46 22.31 2.65
C LEU D 107 -13.46 23.69 3.27
N THR D 108 -14.51 24.46 2.98
CA THR D 108 -14.67 25.80 3.52
C THR D 108 -15.90 25.84 4.42
N VAL D 109 -15.79 26.59 5.50
CA VAL D 109 -16.92 26.95 6.34
C VAL D 109 -17.21 28.43 6.12
N LEU D 110 -18.49 28.76 5.96
CA LEU D 110 -18.89 30.06 5.41
C LEU D 110 -19.36 31.04 6.48
N GLY D 111 -18.67 31.10 7.61
CA GLY D 111 -19.00 32.09 8.61
C GLY D 111 -18.55 33.49 8.30
N GLN D 112 -17.24 33.67 8.18
CA GLN D 112 -16.68 35.01 8.21
C GLN D 112 -17.38 35.90 7.17
N PRO D 113 -17.53 37.19 7.43
CA PRO D 113 -18.16 38.09 6.45
C PRO D 113 -17.19 38.54 5.37
N LYS D 114 -17.76 39.00 4.26
CA LYS D 114 -17.01 39.24 3.03
C LYS D 114 -16.43 40.65 3.04
N ALA D 115 -15.30 40.79 3.72
CA ALA D 115 -14.66 42.08 3.87
C ALA D 115 -13.88 42.46 2.60
N ASN D 116 -13.62 43.78 2.44
CA ASN D 116 -13.07 44.35 1.22
C ASN D 116 -11.59 44.68 1.38
N PRO D 117 -10.87 44.82 0.27
CA PRO D 117 -9.43 45.06 0.33
C PRO D 117 -9.05 46.53 0.50
N THR D 118 -7.87 46.75 1.09
CA THR D 118 -7.35 48.07 1.43
C THR D 118 -6.00 48.25 0.74
N VAL D 119 -6.02 48.76 -0.49
CA VAL D 119 -4.84 48.77 -1.34
C VAL D 119 -3.95 49.97 -1.02
N THR D 120 -2.64 49.80 -1.26
CA THR D 120 -1.68 50.88 -1.23
C THR D 120 -0.75 50.72 -2.43
N LEU D 121 -0.61 51.78 -3.22
CA LEU D 121 0.22 51.74 -4.43
C LEU D 121 1.38 52.72 -4.26
N PHE D 122 2.66 52.15 -4.26
CA PHE D 122 3.89 52.96 -4.21
C PHE D 122 4.54 53.03 -5.59
N PRO D 123 5.10 54.17 -5.98
CA PRO D 123 5.86 54.23 -7.23
C PRO D 123 7.31 53.86 -7.00
N PRO D 124 8.13 53.88 -8.05
CA PRO D 124 9.57 53.69 -7.85
C PRO D 124 10.18 54.87 -7.10
N SER D 125 11.16 54.56 -6.25
CA SER D 125 11.87 55.60 -5.52
C SER D 125 12.97 56.22 -6.39
N SER D 126 13.36 57.43 -6.01
CA SER D 126 14.42 58.11 -6.74
C SER D 126 15.67 57.25 -6.85
N GLU D 127 15.99 56.53 -5.77
CA GLU D 127 17.16 55.65 -5.79
C GLU D 127 17.06 54.62 -6.90
N GLU D 128 15.93 53.91 -6.95
CA GLU D 128 15.77 52.84 -7.94
C GLU D 128 15.94 53.36 -9.35
N LEU D 129 15.41 54.54 -9.64
CA LEU D 129 15.59 55.15 -10.96
C LEU D 129 17.07 55.24 -11.32
N GLN D 130 17.90 55.70 -10.37
CA GLN D 130 19.31 55.93 -10.65
C GLN D 130 20.05 54.64 -10.95
N ALA D 131 19.50 53.48 -10.59
CA ALA D 131 20.09 52.21 -10.94
C ALA D 131 19.64 51.71 -12.31
N ASN D 132 19.09 52.59 -13.14
CA ASN D 132 18.52 52.19 -14.43
C ASN D 132 17.48 51.10 -14.23
N LYS D 133 16.59 51.33 -13.26
CA LYS D 133 15.64 50.35 -12.80
C LYS D 133 14.39 51.08 -12.29
N ALA D 134 13.34 50.31 -12.02
CA ALA D 134 12.15 50.86 -11.38
C ALA D 134 11.14 49.78 -11.06
N THR D 135 10.30 49.97 -10.04
CA THR D 135 9.32 48.97 -9.64
C THR D 135 8.14 49.66 -9.00
N LEU D 136 6.95 49.43 -9.56
CA LEU D 136 5.71 49.83 -8.89
C LEU D 136 5.25 48.69 -7.98
N VAL D 137 4.54 49.05 -6.91
CA VAL D 137 4.25 48.12 -5.83
C VAL D 137 2.78 48.28 -5.45
N CYS D 138 1.97 47.25 -5.72
CA CYS D 138 0.58 47.22 -5.33
C CYS D 138 0.43 46.27 -4.15
N LEU D 139 0.18 46.82 -2.97
CA LEU D 139 0.02 46.05 -1.74
C LEU D 139 -1.44 46.12 -1.30
N ILE D 140 -1.98 44.98 -0.87
CA ILE D 140 -3.42 44.80 -0.82
C ILE D 140 -3.93 44.65 0.61
N SER D 141 -3.86 43.44 1.16
CA SER D 141 -4.14 43.21 2.58
C SER D 141 -5.61 43.34 2.98
N ASP D 142 -5.98 42.64 4.05
CA ASP D 142 -7.31 42.71 4.67
C ASP D 142 -8.45 42.38 3.71
N PHE D 143 -8.80 41.11 3.58
CA PHE D 143 -9.98 40.73 2.81
C PHE D 143 -10.26 39.24 2.95
N TYR D 144 -11.53 38.92 3.15
CA TYR D 144 -12.06 37.57 2.96
C TYR D 144 -12.97 37.67 1.74
N PRO D 145 -13.13 36.59 0.97
CA PRO D 145 -12.57 35.22 1.02
C PRO D 145 -11.10 35.08 0.61
N GLY D 146 -10.67 35.80 -0.42
CA GLY D 146 -9.28 35.67 -0.88
C GLY D 146 -9.12 35.64 -2.38
N ALA D 147 -8.23 34.77 -2.85
CA ALA D 147 -7.89 34.60 -4.28
C ALA D 147 -8.49 35.67 -5.18
N VAL D 148 -7.68 36.67 -5.56
CA VAL D 148 -8.13 37.74 -6.42
C VAL D 148 -7.21 37.81 -7.63
N THR D 149 -7.62 38.60 -8.61
CA THR D 149 -6.78 38.94 -9.75
C THR D 149 -6.41 40.42 -9.67
N VAL D 150 -5.34 40.77 -10.38
CA VAL D 150 -4.84 42.13 -10.43
C VAL D 150 -4.77 42.56 -11.90
N ALA D 151 -4.71 43.87 -12.11
CA ALA D 151 -4.57 44.40 -13.47
C ALA D 151 -3.93 45.78 -13.38
N TRP D 152 -3.05 46.07 -14.35
CA TRP D 152 -2.37 47.35 -14.44
C TRP D 152 -2.72 48.00 -15.76
N LYS D 153 -2.92 49.33 -15.74
CA LYS D 153 -3.21 50.10 -16.93
C LYS D 153 -2.30 51.32 -16.96
N ALA D 154 -1.65 51.55 -18.09
CA ALA D 154 -0.72 52.67 -18.23
C ALA D 154 -1.47 53.94 -18.57
N ASP D 155 -1.64 54.21 -19.87
CA ASP D 155 -2.60 55.24 -20.27
C ASP D 155 -4.02 54.79 -19.93
N GLY D 156 -4.35 53.55 -20.29
CA GLY D 156 -5.63 52.95 -19.96
C GLY D 156 -5.83 51.67 -20.76
N SER D 157 -4.82 50.81 -20.80
CA SER D 157 -4.85 49.62 -21.63
C SER D 157 -4.17 48.47 -20.89
N PRO D 158 -4.64 47.23 -21.08
CA PRO D 158 -4.06 46.10 -20.35
C PRO D 158 -2.56 45.93 -20.55
N VAL D 159 -1.77 46.46 -19.62
CA VAL D 159 -0.32 46.26 -19.62
C VAL D 159 0.02 44.95 -18.93
N LYS D 160 1.09 44.31 -19.40
CA LYS D 160 1.57 43.06 -18.78
C LYS D 160 3.10 42.96 -18.85
N ALA D 161 3.79 44.10 -18.75
CA ALA D 161 5.24 44.14 -18.92
C ALA D 161 5.92 43.65 -17.65
N GLY D 162 5.95 42.33 -17.49
CA GLY D 162 6.64 41.71 -16.39
C GLY D 162 5.91 41.82 -15.06
N VAL D 163 4.72 41.25 -15.00
CA VAL D 163 3.86 41.32 -13.82
C VAL D 163 4.08 40.05 -13.00
N GLU D 164 4.49 40.21 -11.75
CA GLU D 164 4.64 39.10 -10.82
C GLU D 164 3.71 39.32 -9.63
N THR D 165 2.98 38.28 -9.26
CA THR D 165 1.98 38.36 -8.21
C THR D 165 2.09 37.14 -7.31
N THR D 166 1.71 37.31 -6.05
CA THR D 166 1.87 36.26 -5.05
C THR D 166 0.62 35.37 -5.00
N LYS D 167 0.70 34.34 -4.17
CA LYS D 167 -0.49 33.66 -3.70
C LYS D 167 -1.12 34.47 -2.57
N PRO D 168 -2.42 34.29 -2.31
CA PRO D 168 -3.05 35.03 -1.21
C PRO D 168 -2.33 34.85 0.12
N SER D 169 -2.43 33.66 0.73
CA SER D 169 -1.82 33.41 2.03
C SER D 169 -2.44 34.26 3.13
N LYS D 170 -2.71 33.65 4.28
CA LYS D 170 -3.51 34.27 5.33
C LYS D 170 -2.64 35.14 6.23
N GLN D 171 -3.28 36.15 6.84
CA GLN D 171 -2.61 37.02 7.79
C GLN D 171 -2.80 36.49 9.21
N SER D 172 -2.23 37.20 10.19
CA SER D 172 -2.44 36.86 11.59
C SER D 172 -3.81 37.29 12.08
N ASN D 173 -4.48 38.21 11.38
CA ASN D 173 -5.80 38.65 11.80
C ASN D 173 -6.92 37.82 11.19
N ASN D 174 -6.59 36.77 10.44
CA ASN D 174 -7.53 35.80 9.86
C ASN D 174 -8.12 36.30 8.54
N LYS D 175 -7.56 37.34 7.94
CA LYS D 175 -7.89 37.76 6.58
C LYS D 175 -6.67 37.56 5.69
N TYR D 176 -6.86 37.75 4.39
CA TYR D 176 -5.83 37.43 3.41
C TYR D 176 -5.18 38.69 2.85
N ALA D 177 -4.02 38.50 2.23
CA ALA D 177 -3.18 39.63 1.83
C ALA D 177 -2.18 39.19 0.78
N ALA D 178 -2.18 39.84 -0.39
CA ALA D 178 -1.24 39.58 -1.46
C ALA D 178 -0.51 40.87 -1.84
N SER D 179 0.44 40.74 -2.77
CA SER D 179 1.19 41.86 -3.28
C SER D 179 1.51 41.62 -4.75
N SER D 180 1.60 42.71 -5.52
CA SER D 180 1.85 42.64 -6.95
C SER D 180 2.93 43.64 -7.33
N TYR D 181 3.92 43.19 -8.09
CA TYR D 181 5.06 44.00 -8.48
C TYR D 181 5.14 44.09 -9.99
N LEU D 182 5.40 45.30 -10.50
CA LEU D 182 5.58 45.57 -11.92
C LEU D 182 6.96 46.15 -12.15
N SER D 183 7.61 45.75 -13.24
CA SER D 183 8.95 46.21 -13.57
C SER D 183 8.95 46.92 -14.91
N LEU D 184 9.78 47.97 -15.01
CA LEU D 184 10.05 48.63 -16.28
C LEU D 184 11.01 49.78 -16.06
N THR D 185 11.85 50.07 -17.06
CA THR D 185 12.83 51.13 -16.94
C THR D 185 12.14 52.49 -16.98
N PRO D 186 12.85 53.56 -16.59
CA PRO D 186 12.28 54.91 -16.68
C PRO D 186 11.51 55.17 -17.96
N GLU D 187 11.95 54.61 -19.08
CA GLU D 187 11.38 54.99 -20.38
C GLU D 187 9.89 54.69 -20.45
N GLN D 188 9.43 53.62 -19.82
CA GLN D 188 8.00 53.37 -19.73
C GLN D 188 7.36 54.14 -18.59
N TRP D 189 8.09 54.32 -17.48
CA TRP D 189 7.57 55.03 -16.33
C TRP D 189 7.36 56.51 -16.63
N LYS D 190 8.28 57.11 -17.40
CA LYS D 190 8.17 58.53 -17.71
C LYS D 190 7.16 58.79 -18.83
N SER D 191 7.31 58.07 -19.95
CA SER D 191 6.54 58.40 -21.15
C SER D 191 5.04 58.30 -20.93
N HIS D 192 4.61 57.44 -20.01
CA HIS D 192 3.19 57.25 -19.80
C HIS D 192 2.64 58.23 -18.78
N ARG D 193 1.30 58.33 -18.75
CA ARG D 193 0.63 59.40 -18.03
C ARG D 193 0.71 59.20 -16.52
N SER D 194 0.11 58.12 -16.03
CA SER D 194 0.03 57.86 -14.60
C SER D 194 -0.55 56.48 -14.35
N TYR D 195 0.27 55.56 -13.86
CA TYR D 195 -0.12 54.16 -13.77
C TYR D 195 -1.19 53.93 -12.72
N SER D 196 -2.20 53.15 -13.08
CA SER D 196 -3.22 52.67 -12.15
C SER D 196 -2.98 51.19 -11.84
N CYS D 197 -3.46 50.77 -10.67
CA CYS D 197 -3.48 49.37 -10.27
C CYS D 197 -4.87 49.07 -9.72
N GLN D 198 -5.68 48.33 -10.48
CA GLN D 198 -7.04 48.03 -10.08
C GLN D 198 -7.12 46.61 -9.53
N VAL D 199 -7.58 46.50 -8.29
CA VAL D 199 -7.65 45.24 -7.57
C VAL D 199 -9.11 44.85 -7.49
N THR D 200 -9.51 43.86 -8.28
CA THR D 200 -10.89 43.37 -8.27
C THR D 200 -11.01 42.27 -7.21
N HIS D 201 -12.05 42.38 -6.38
CA HIS D 201 -12.31 41.40 -5.32
C HIS D 201 -13.81 41.32 -5.13
N GLU D 202 -14.42 40.25 -5.63
CA GLU D 202 -15.87 40.08 -5.58
C GLU D 202 -16.57 41.18 -6.36
N GLY D 203 -16.28 41.24 -7.66
CA GLY D 203 -16.89 42.23 -8.53
C GLY D 203 -16.73 43.66 -8.07
N SER D 204 -15.62 43.98 -7.41
CA SER D 204 -15.44 45.27 -6.74
C SER D 204 -14.21 45.97 -7.30
N THR D 205 -14.43 47.03 -8.06
CA THR D 205 -13.33 47.85 -8.56
C THR D 205 -12.72 48.66 -7.42
N VAL D 206 -11.44 48.42 -7.13
CA VAL D 206 -10.73 49.15 -6.08
C VAL D 206 -9.34 49.50 -6.59
N GLU D 207 -9.22 50.60 -7.31
CA GLU D 207 -7.97 50.97 -7.98
C GLU D 207 -7.39 52.24 -7.39
N LYS D 208 -6.05 52.28 -7.32
CA LYS D 208 -5.30 53.45 -6.88
C LYS D 208 -4.22 53.75 -7.90
N THR D 209 -3.90 55.04 -8.06
CA THR D 209 -3.08 55.50 -9.16
C THR D 209 -1.95 56.41 -8.68
N VAL D 210 -0.89 56.47 -9.48
CA VAL D 210 0.29 57.26 -9.16
C VAL D 210 0.80 57.93 -10.42
N ALA D 211 1.35 59.13 -10.26
CA ALA D 211 1.96 59.90 -11.33
C ALA D 211 3.47 59.85 -11.22
N PRO D 212 4.19 60.35 -12.22
CA PRO D 212 5.64 60.48 -12.10
C PRO D 212 6.11 61.78 -11.46
N THR D 213 5.21 62.55 -10.86
CA THR D 213 5.54 63.86 -10.31
C THR D 213 6.16 63.76 -8.91
N GLN E 1 2.98 7.71 23.01
CA GLN E 1 3.30 8.86 22.11
C GLN E 1 4.35 8.48 21.07
N MET E 2 3.93 7.67 20.10
CA MET E 2 4.77 7.38 18.94
C MET E 2 4.90 8.63 18.07
N GLN E 3 6.06 8.76 17.42
CA GLN E 3 6.41 10.02 16.77
C GLN E 3 7.34 9.79 15.60
N LEU E 4 7.36 10.76 14.69
CA LEU E 4 8.25 10.79 13.54
C LEU E 4 8.85 12.18 13.41
N VAL E 5 10.17 12.29 13.57
CA VAL E 5 10.88 13.56 13.49
C VAL E 5 11.72 13.55 12.23
N GLN E 6 11.56 14.58 11.41
CA GLN E 6 12.25 14.66 10.13
C GLN E 6 13.39 15.68 10.18
N SER E 7 14.33 15.54 9.26
CA SER E 7 15.45 16.45 9.17
C SER E 7 14.95 17.87 8.88
N GLY E 8 15.81 18.85 9.15
CA GLY E 8 15.46 20.23 8.95
C GLY E 8 15.32 20.60 7.49
N ALA E 9 14.72 21.78 7.27
CA ALA E 9 14.45 22.23 5.92
C ALA E 9 15.76 22.47 5.17
N GLU E 10 15.67 22.40 3.84
CA GLU E 10 16.85 22.38 2.98
C GLU E 10 16.66 23.33 1.80
N VAL E 11 17.75 23.98 1.41
CA VAL E 11 17.84 24.70 0.14
C VAL E 11 19.10 24.19 -0.55
N LYS E 12 18.99 23.88 -1.84
CA LYS E 12 20.06 23.20 -2.55
C LYS E 12 20.14 23.71 -3.98
N GLU E 13 21.29 23.42 -4.63
CA GLU E 13 21.48 23.74 -6.03
C GLU E 13 21.21 22.50 -6.88
N PRO E 14 20.64 22.63 -8.07
CA PRO E 14 20.41 21.46 -8.92
C PRO E 14 21.71 20.69 -9.17
N GLY E 15 21.59 19.36 -9.23
CA GLY E 15 22.73 18.50 -9.42
C GLY E 15 23.42 18.06 -8.15
N GLU E 16 23.21 18.79 -7.04
CA GLU E 16 23.68 18.31 -5.75
C GLU E 16 22.86 17.10 -5.31
N SER E 17 23.45 16.29 -4.45
CA SER E 17 22.72 15.19 -3.82
C SER E 17 22.19 15.64 -2.47
N LEU E 18 21.21 14.91 -1.96
CA LEU E 18 20.52 15.28 -0.73
C LEU E 18 19.82 14.07 -0.16
N ARG E 19 20.01 13.82 1.14
CA ARG E 19 19.39 12.71 1.84
C ARG E 19 18.73 13.27 3.08
N ILE E 20 17.40 13.36 3.07
CA ILE E 20 16.64 13.77 4.24
C ILE E 20 16.36 12.53 5.08
N SER E 21 15.98 12.73 6.33
CA SER E 21 15.89 11.64 7.27
C SER E 21 14.58 11.69 8.04
N CYS E 22 14.17 10.53 8.53
CA CYS E 22 12.94 10.37 9.28
C CYS E 22 13.23 9.41 10.42
N LYS E 23 13.27 9.91 11.65
CA LYS E 23 13.57 9.09 12.81
C LYS E 23 12.29 8.80 13.58
N GLY E 24 12.12 7.54 13.97
CA GLY E 24 10.96 7.12 14.72
C GLY E 24 11.26 6.89 16.20
N SER E 25 10.20 6.71 16.96
CA SER E 25 10.30 6.54 18.40
C SER E 25 8.95 6.23 19.01
N GLY E 26 8.92 5.55 20.15
CA GLY E 26 7.67 5.19 20.78
C GLY E 26 6.98 3.99 20.17
N TYR E 27 7.67 3.24 19.31
CA TYR E 27 7.10 2.02 18.75
C TYR E 27 8.24 1.16 18.23
N SER E 28 7.93 -0.12 18.04
CA SER E 28 8.91 -1.08 17.51
C SER E 28 9.18 -0.74 16.05
N PHE E 29 10.37 -0.19 15.78
CA PHE E 29 10.64 0.39 14.47
C PHE E 29 10.58 -0.65 13.36
N THR E 30 11.04 -1.88 13.64
CA THR E 30 11.14 -2.87 12.57
C THR E 30 9.80 -3.46 12.16
N ASN E 31 8.77 -3.33 12.99
CA ASN E 31 7.49 -3.94 12.66
C ASN E 31 6.68 -3.14 11.66
N PHE E 32 7.06 -1.91 11.37
CA PHE E 32 6.29 -1.03 10.51
C PHE E 32 7.18 -0.50 9.39
N TRP E 33 6.58 -0.31 8.22
CA TRP E 33 7.26 0.38 7.15
C TRP E 33 7.31 1.88 7.43
N ILE E 34 8.20 2.56 6.74
CA ILE E 34 8.16 4.01 6.62
C ILE E 34 7.95 4.33 5.15
N SER E 35 6.96 5.17 4.87
CA SER E 35 6.84 5.72 3.53
C SER E 35 7.10 7.21 3.56
N TRP E 36 6.67 7.87 2.49
CA TRP E 36 7.39 9.00 2.01
C TRP E 36 6.48 9.61 0.99
N VAL E 37 6.04 10.81 1.27
CA VAL E 37 4.96 11.44 0.54
C VAL E 37 5.42 12.81 0.09
N ARG E 38 5.12 13.15 -1.16
CA ARG E 38 5.48 14.44 -1.71
C ARG E 38 4.24 15.32 -1.78
N GLN E 39 4.43 16.61 -1.56
CA GLN E 39 3.36 17.59 -1.72
C GLN E 39 3.95 18.81 -2.41
N MET E 40 3.80 18.87 -3.74
CA MET E 40 4.30 20.02 -4.47
C MET E 40 3.61 21.29 -3.95
N PRO E 41 4.28 22.44 -4.03
CA PRO E 41 3.66 23.67 -3.49
C PRO E 41 2.34 23.96 -4.18
N GLY E 42 1.29 24.12 -3.36
CA GLY E 42 -0.04 24.39 -3.86
C GLY E 42 -0.83 23.16 -4.25
N LYS E 43 -0.19 22.00 -4.32
CA LYS E 43 -0.82 20.77 -4.79
C LYS E 43 -1.05 19.82 -3.62
N GLY E 44 -1.53 18.62 -3.95
CA GLY E 44 -1.86 17.62 -2.97
C GLY E 44 -0.81 16.54 -2.83
N LEU E 45 -1.20 15.45 -2.18
CA LEU E 45 -0.27 14.43 -1.72
C LEU E 45 -0.02 13.38 -2.80
N GLU E 46 1.24 12.95 -2.90
CA GLU E 46 1.65 11.88 -3.80
C GLU E 46 2.51 10.90 -3.00
N TRP E 47 2.21 9.62 -3.13
CA TRP E 47 3.04 8.60 -2.52
C TRP E 47 4.29 8.40 -3.37
N MET E 48 5.45 8.45 -2.74
CA MET E 48 6.73 8.27 -3.42
C MET E 48 7.25 6.84 -3.32
N GLY E 49 7.29 6.27 -2.13
CA GLY E 49 7.87 4.96 -1.94
C GLY E 49 7.88 4.61 -0.46
N ARG E 50 8.45 3.45 -0.18
CA ARG E 50 8.45 2.93 1.18
C ARG E 50 9.63 2.01 1.37
N VAL E 51 9.96 1.79 2.64
CA VAL E 51 10.98 0.82 3.03
C VAL E 51 10.43 0.02 4.19
N ASP E 52 10.55 -1.30 4.10
CA ASP E 52 10.33 -2.20 5.22
C ASP E 52 11.66 -2.34 5.95
N PRO E 53 11.88 -1.64 7.07
CA PRO E 53 13.20 -1.72 7.73
C PRO E 53 13.48 -3.08 8.31
N GLY E 54 12.45 -3.91 8.54
CA GLY E 54 12.70 -5.25 9.04
C GLY E 54 13.59 -6.05 8.11
N TYR E 55 13.35 -5.95 6.80
CA TYR E 55 14.06 -6.76 5.82
C TYR E 55 14.77 -5.95 4.75
N SER E 56 14.71 -4.61 4.83
CA SER E 56 15.41 -3.70 3.93
C SER E 56 14.78 -3.67 2.54
N TYR E 57 13.75 -4.47 2.28
CA TYR E 57 13.01 -4.35 1.03
C TYR E 57 12.35 -2.99 0.93
N SER E 58 12.42 -2.38 -0.25
CA SER E 58 12.01 -0.99 -0.45
C SER E 58 11.47 -0.83 -1.86
N THR E 59 10.28 -0.24 -1.97
CA THR E 59 9.59 -0.11 -3.25
C THR E 59 9.22 1.34 -3.51
N TYR E 60 8.73 1.60 -4.72
CA TYR E 60 8.45 2.96 -5.16
C TYR E 60 7.25 2.97 -6.10
N SER E 61 6.54 4.10 -6.10
CA SER E 61 5.55 4.34 -7.13
C SER E 61 6.26 4.50 -8.48
N PRO E 62 5.60 4.12 -9.58
CA PRO E 62 6.24 4.27 -10.90
C PRO E 62 6.77 5.66 -11.18
N SER E 63 6.10 6.70 -10.67
CA SER E 63 6.55 8.06 -10.91
C SER E 63 7.94 8.31 -10.36
N PHE E 64 8.32 7.60 -9.30
CA PHE E 64 9.53 7.92 -8.56
C PHE E 64 10.61 6.83 -8.65
N GLN E 65 10.29 5.67 -9.18
CA GLN E 65 11.31 4.64 -9.42
C GLN E 65 12.44 5.23 -10.25
N GLY E 66 13.64 5.28 -9.66
CA GLY E 66 14.81 5.74 -10.36
C GLY E 66 15.19 7.19 -10.11
N HIS E 67 14.29 7.99 -9.55
CA HIS E 67 14.62 9.35 -9.16
C HIS E 67 15.10 9.47 -7.72
N VAL E 68 14.78 8.50 -6.87
CA VAL E 68 15.15 8.54 -5.46
C VAL E 68 15.52 7.13 -5.01
N THR E 69 16.17 7.07 -3.85
CA THR E 69 16.47 5.81 -3.17
C THR E 69 15.99 5.94 -1.73
N ILE E 70 15.28 4.93 -1.25
CA ILE E 70 14.68 4.96 0.07
C ILE E 70 15.20 3.73 0.83
N SER E 71 16.05 3.98 1.82
CA SER E 71 16.65 2.95 2.67
C SER E 71 16.26 3.22 4.12
N ALA E 72 16.77 2.40 5.02
CA ALA E 72 16.53 2.60 6.45
C ALA E 72 17.73 2.07 7.23
N ASP E 73 17.72 2.37 8.53
CA ASP E 73 18.78 1.91 9.44
C ASP E 73 18.10 1.40 10.71
N LYS E 74 17.83 0.09 10.72
CA LYS E 74 17.18 -0.55 11.87
C LYS E 74 17.69 -0.02 13.20
N SER E 75 19.02 0.04 13.36
CA SER E 75 19.60 0.36 14.67
C SER E 75 19.23 1.77 15.12
N THR E 76 19.43 2.76 14.25
CA THR E 76 19.16 4.14 14.61
C THR E 76 17.72 4.54 14.34
N SER E 77 16.85 3.58 14.02
CA SER E 77 15.43 3.85 13.81
C SER E 77 15.24 5.01 12.84
N THR E 78 16.04 5.04 11.79
CA THR E 78 16.03 6.13 10.83
C THR E 78 15.68 5.60 9.45
N ALA E 79 14.80 6.31 8.76
CA ALA E 79 14.51 6.06 7.36
C ALA E 79 15.01 7.24 6.54
N TYR E 80 15.32 7.00 5.28
CA TYR E 80 15.94 8.03 4.45
C TYR E 80 15.25 8.12 3.10
N LEU E 81 15.15 9.35 2.61
CA LEU E 81 14.75 9.63 1.23
C LEU E 81 15.90 10.39 0.58
N GLN E 82 16.47 9.81 -0.48
CA GLN E 82 17.75 10.26 -1.00
C GLN E 82 17.69 10.51 -2.50
N TRP E 83 18.22 11.65 -2.91
CA TRP E 83 18.48 11.96 -4.31
C TRP E 83 19.98 11.90 -4.58
N ASN E 84 20.33 11.67 -5.85
CA ASN E 84 21.68 11.93 -6.34
C ASN E 84 21.74 13.26 -7.09
N SER E 85 20.78 13.50 -7.99
CA SER E 85 20.70 14.73 -8.76
C SER E 85 19.33 15.36 -8.50
N LEU E 86 19.33 16.51 -7.83
CA LEU E 86 18.10 17.26 -7.58
C LEU E 86 17.69 18.04 -8.82
N LYS E 87 16.40 18.04 -9.10
CA LYS E 87 15.83 18.95 -10.09
C LYS E 87 15.34 20.22 -9.39
N ALA E 88 15.19 21.28 -10.19
CA ALA E 88 14.49 22.47 -9.69
C ALA E 88 13.08 22.12 -9.25
N SER E 89 12.43 21.19 -9.94
CA SER E 89 11.06 20.80 -9.64
C SER E 89 10.97 19.85 -8.44
N ASP E 90 12.09 19.43 -7.87
CA ASP E 90 12.04 18.68 -6.61
C ASP E 90 11.71 19.58 -5.42
N THR E 91 11.57 20.88 -5.65
CA THR E 91 11.21 21.82 -4.59
C THR E 91 9.80 21.54 -4.09
N ALA E 92 9.68 21.01 -2.87
CA ALA E 92 8.36 20.67 -2.32
C ALA E 92 8.53 20.27 -0.85
N MET E 93 7.41 19.97 -0.21
CA MET E 93 7.38 19.40 1.12
C MET E 93 7.39 17.89 1.01
N TYR E 94 8.13 17.23 1.91
CA TYR E 94 8.26 15.77 1.89
C TYR E 94 7.91 15.24 3.27
N TYR E 95 6.81 14.49 3.35
CA TYR E 95 6.39 13.89 4.60
C TYR E 95 6.78 12.42 4.62
N CYS E 96 7.14 11.93 5.81
CA CYS E 96 7.24 10.51 6.06
C CYS E 96 6.09 10.08 6.96
N ALA E 97 5.70 8.82 6.85
CA ALA E 97 4.59 8.33 7.64
C ALA E 97 4.74 6.83 7.82
N ARG E 98 4.32 6.35 8.98
CA ARG E 98 4.54 4.96 9.38
C ARG E 98 3.29 4.15 9.05
N VAL E 99 3.48 3.12 8.23
CA VAL E 99 2.42 2.22 7.79
C VAL E 99 2.93 0.78 7.95
N GLN E 100 2.01 -0.14 8.22
CA GLN E 100 2.40 -1.49 8.58
C GLN E 100 2.25 -2.51 7.46
N TYR E 101 1.26 -2.34 6.57
CA TYR E 101 1.04 -3.32 5.51
C TYR E 101 0.60 -2.62 4.24
N SER E 102 0.57 -3.40 3.16
CA SER E 102 0.12 -2.96 1.85
C SER E 102 -1.31 -3.37 1.57
N GLY E 103 -2.01 -3.93 2.55
CA GLY E 103 -3.30 -4.55 2.32
C GLY E 103 -4.44 -3.59 2.04
N TYR E 104 -5.48 -3.49 2.88
CA TYR E 104 -5.63 -4.05 4.24
C TYR E 104 -4.56 -3.53 5.21
N TYR E 105 -5.03 -2.76 6.20
CA TYR E 105 -4.19 -2.07 7.19
C TYR E 105 -2.68 -2.01 6.92
N ASP E 106 -2.15 -1.22 5.98
CA ASP E 106 -2.69 0.03 5.41
C ASP E 106 -2.85 1.12 6.46
N TRP E 107 -2.98 2.35 5.96
CA TRP E 107 -3.15 3.59 6.71
C TRP E 107 -1.90 4.04 7.46
N PHE E 108 -1.65 5.36 7.39
CA PHE E 108 -0.40 5.98 7.79
C PHE E 108 -0.60 6.58 9.18
N ASP E 109 -0.47 5.74 10.21
CA ASP E 109 -1.06 6.08 11.50
C ASP E 109 -0.38 7.30 12.13
N PRO E 110 0.96 7.40 12.10
CA PRO E 110 1.60 8.67 12.45
C PRO E 110 2.40 9.28 11.31
N TRP E 111 2.41 10.60 11.19
CA TRP E 111 3.14 11.31 10.15
C TRP E 111 4.24 12.17 10.78
N GLY E 112 5.31 12.36 10.02
CA GLY E 112 6.32 13.34 10.38
C GLY E 112 5.81 14.75 10.19
N GLN E 113 6.60 15.72 10.67
CA GLN E 113 6.17 17.11 10.60
C GLN E 113 6.41 17.74 9.24
N GLY E 114 7.17 17.08 8.36
CA GLY E 114 7.46 17.64 7.06
C GLY E 114 8.84 18.24 6.94
N THR E 115 9.52 17.93 5.84
CA THR E 115 10.80 18.53 5.50
C THR E 115 10.64 19.31 4.21
N LEU E 116 10.90 20.61 4.27
CA LEU E 116 10.78 21.47 3.10
C LEU E 116 12.11 21.48 2.35
N VAL E 117 12.05 21.24 1.04
CA VAL E 117 13.21 21.22 0.17
C VAL E 117 13.03 22.29 -0.89
N THR E 118 14.05 23.12 -1.08
CA THR E 118 14.06 24.16 -2.10
C THR E 118 15.26 23.95 -3.02
N VAL E 119 15.01 24.04 -4.32
CA VAL E 119 16.04 23.86 -5.34
C VAL E 119 15.98 25.02 -6.31
N SER E 120 17.10 25.70 -6.51
CA SER E 120 17.13 26.84 -7.42
C SER E 120 18.54 27.02 -7.96
N SER E 121 18.60 27.39 -9.25
CA SER E 121 19.87 27.83 -9.82
C SER E 121 20.47 28.97 -9.01
N ALA E 122 19.63 29.89 -8.53
CA ALA E 122 20.10 31.16 -7.98
C ALA E 122 21.15 30.95 -6.90
N SER E 123 22.08 31.90 -6.80
CA SER E 123 23.13 31.90 -5.80
C SER E 123 22.71 32.74 -4.60
N THR E 124 23.29 32.42 -3.45
CA THR E 124 23.00 33.19 -2.24
C THR E 124 23.37 34.66 -2.44
N LYS E 125 22.37 35.53 -2.40
CA LYS E 125 22.57 36.94 -2.69
C LYS E 125 21.68 37.77 -1.78
N GLY E 126 22.25 38.85 -1.23
CA GLY E 126 21.51 39.72 -0.35
C GLY E 126 20.66 40.72 -1.10
N PRO E 127 19.74 41.35 -0.38
CA PRO E 127 18.77 42.24 -1.01
C PRO E 127 19.32 43.64 -1.23
N SER E 128 18.55 44.41 -1.99
CA SER E 128 18.69 45.85 -2.06
C SER E 128 17.47 46.48 -1.40
N VAL E 129 17.72 47.34 -0.42
CA VAL E 129 16.63 48.01 0.30
C VAL E 129 16.37 49.35 -0.36
N PHE E 130 15.09 49.62 -0.64
CA PHE E 130 14.68 50.88 -1.23
C PHE E 130 13.57 51.50 -0.38
N PRO E 131 13.51 52.83 -0.30
CA PRO E 131 12.45 53.48 0.48
C PRO E 131 11.19 53.75 -0.33
N LEU E 132 10.07 53.82 0.38
CA LEU E 132 8.76 54.09 -0.20
C LEU E 132 8.11 55.19 0.63
N ALA E 133 7.94 56.37 0.03
CA ALA E 133 7.52 57.56 0.76
C ALA E 133 5.99 57.69 0.79
N PRO E 134 5.47 58.50 1.70
CA PRO E 134 4.03 58.73 1.74
C PRO E 134 3.61 60.01 1.03
N SER E 135 2.31 60.13 0.77
CA SER E 135 1.74 61.38 0.26
C SER E 135 1.62 62.34 1.44
N SER E 136 2.66 63.15 1.65
CA SER E 136 2.76 63.93 2.88
C SER E 136 1.70 65.03 2.94
N LYS E 137 1.22 65.51 1.79
CA LYS E 137 0.35 66.69 1.79
C LYS E 137 -1.02 66.36 2.39
N SER E 138 -1.66 65.28 1.89
CA SER E 138 -2.78 64.65 2.59
C SER E 138 -4.06 65.47 2.63
N THR E 139 -5.16 64.82 3.00
CA THR E 139 -6.40 65.47 3.37
C THR E 139 -7.11 64.54 4.36
N SER E 140 -7.19 64.98 5.62
CA SER E 140 -7.63 64.17 6.75
C SER E 140 -8.09 62.75 6.38
N GLY E 141 -7.12 61.88 6.16
CA GLY E 141 -7.37 60.45 6.07
C GLY E 141 -7.89 59.75 7.32
N GLY E 142 -7.27 59.93 8.48
CA GLY E 142 -6.14 60.83 8.73
C GLY E 142 -4.78 60.17 8.79
N THR E 143 -4.64 59.00 8.17
CA THR E 143 -3.36 58.30 8.16
C THR E 143 -2.66 58.50 6.83
N ALA E 144 -1.44 57.97 6.74
CA ALA E 144 -0.67 57.95 5.51
C ALA E 144 0.35 56.81 5.60
N ALA E 145 0.58 56.15 4.47
CA ALA E 145 1.30 54.88 4.43
C ALA E 145 2.70 55.07 3.87
N LEU E 146 3.68 54.41 4.50
CA LEU E 146 5.07 54.40 4.05
C LEU E 146 5.61 52.99 4.25
N GLY E 147 6.78 52.71 3.71
CA GLY E 147 7.35 51.38 3.85
C GLY E 147 8.72 51.25 3.24
N CYS E 148 9.18 49.99 3.18
CA CYS E 148 10.47 49.62 2.61
C CYS E 148 10.28 48.57 1.54
N LEU E 149 11.27 48.44 0.66
CA LEU E 149 11.23 47.51 -0.47
C LEU E 149 12.49 46.66 -0.47
N VAL E 150 12.34 45.36 -0.20
CA VAL E 150 13.44 44.41 -0.23
C VAL E 150 13.37 43.66 -1.56
N LYS E 151 14.50 43.53 -2.25
CA LYS E 151 14.48 43.14 -3.65
C LYS E 151 15.73 42.37 -4.02
N ASP E 152 15.54 41.38 -4.90
CA ASP E 152 16.64 40.59 -5.46
C ASP E 152 17.47 39.92 -4.36
N TYR E 153 16.80 39.16 -3.50
CA TYR E 153 17.49 38.41 -2.45
C TYR E 153 17.16 36.93 -2.54
N PHE E 154 18.12 36.12 -2.11
CA PHE E 154 18.00 34.67 -2.12
C PHE E 154 18.91 34.08 -1.06
N PRO E 155 18.42 33.10 -0.29
CA PRO E 155 17.09 32.49 -0.23
C PRO E 155 16.16 33.17 0.76
N GLU E 156 15.03 32.52 1.04
CA GLU E 156 14.13 32.97 2.10
C GLU E 156 14.68 32.57 3.46
N PRO E 157 14.25 33.24 4.54
CA PRO E 157 13.42 34.46 4.61
C PRO E 157 14.25 35.66 5.06
N VAL E 158 13.62 36.83 5.16
CA VAL E 158 14.26 38.00 5.76
C VAL E 158 13.36 38.51 6.88
N THR E 159 13.99 39.11 7.89
CA THR E 159 13.29 39.80 8.95
C THR E 159 13.38 41.30 8.72
N VAL E 160 12.27 41.99 8.94
CA VAL E 160 12.18 43.43 8.74
C VAL E 160 11.56 44.02 10.01
N SER E 161 12.38 44.64 10.85
CA SER E 161 11.90 45.43 11.97
C SER E 161 11.94 46.91 11.57
N TRP E 162 11.45 47.77 12.45
CA TRP E 162 11.34 49.19 12.16
C TRP E 162 11.80 50.02 13.35
N ASN E 163 12.53 51.10 13.07
CA ASN E 163 13.16 51.91 14.12
C ASN E 163 13.98 51.02 15.05
N SER E 164 14.48 49.90 14.53
CA SER E 164 15.16 48.90 15.35
C SER E 164 14.22 48.38 16.45
N GLY E 165 12.98 48.07 16.06
CA GLY E 165 12.03 47.43 16.94
C GLY E 165 11.10 48.35 17.70
N ALA E 166 11.23 49.67 17.52
CA ALA E 166 10.37 50.59 18.26
C ALA E 166 8.96 50.62 17.70
N LEU E 167 8.76 50.25 16.43
CA LEU E 167 7.46 50.34 15.77
C LEU E 167 6.92 48.94 15.57
N THR E 168 5.89 48.59 16.35
CA THR E 168 5.13 47.36 16.15
C THR E 168 3.79 47.63 15.50
N SER E 169 3.05 48.62 16.00
CA SER E 169 1.78 48.99 15.42
C SER E 169 2.00 49.70 14.08
N GLY E 170 1.14 49.40 13.13
CA GLY E 170 1.27 49.91 11.77
C GLY E 170 2.04 48.97 10.86
N VAL E 171 3.06 48.30 11.42
CA VAL E 171 3.94 47.46 10.61
C VAL E 171 3.17 46.28 10.06
N HIS E 172 3.32 46.03 8.76
CA HIS E 172 2.82 44.79 8.15
C HIS E 172 3.81 44.40 7.05
N THR E 173 4.66 43.42 7.35
CA THR E 173 5.59 42.89 6.36
C THR E 173 4.88 41.89 5.47
N PHE E 174 4.95 42.11 4.14
CA PHE E 174 4.17 41.29 3.22
C PHE E 174 4.93 40.04 2.82
N PRO E 175 4.23 38.95 2.50
CA PRO E 175 4.91 37.78 1.94
C PRO E 175 5.67 38.15 0.68
N ALA E 176 6.82 37.51 0.49
CA ALA E 176 7.67 37.83 -0.64
C ALA E 176 7.04 37.33 -1.94
N VAL E 177 7.78 37.49 -3.04
CA VAL E 177 7.37 37.00 -4.35
C VAL E 177 8.55 36.32 -5.01
N LEU E 178 8.27 35.32 -5.84
CA LEU E 178 9.30 34.57 -6.54
C LEU E 178 9.32 35.03 -8.00
N GLN E 179 10.41 35.66 -8.40
CA GLN E 179 10.53 36.19 -9.75
C GLN E 179 10.93 35.08 -10.73
N SER E 180 10.79 35.37 -12.01
CA SER E 180 11.38 34.53 -13.04
C SER E 180 12.89 34.67 -13.09
N SER E 181 13.45 35.71 -12.45
CA SER E 181 14.88 35.79 -12.29
C SER E 181 15.40 34.79 -11.26
N GLY E 182 14.51 34.24 -10.43
CA GLY E 182 14.89 33.34 -9.37
C GLY E 182 15.06 33.99 -8.01
N LEU E 183 15.03 35.32 -7.95
CA LEU E 183 15.31 36.06 -6.73
C LEU E 183 14.01 36.55 -6.08
N TYR E 184 14.06 36.74 -4.77
CA TYR E 184 12.90 37.16 -4.02
C TYR E 184 12.85 38.67 -3.86
N SER E 185 11.66 39.18 -3.55
CA SER E 185 11.45 40.59 -3.30
C SER E 185 10.20 40.72 -2.45
N LEU E 186 10.29 41.45 -1.34
CA LEU E 186 9.14 41.69 -0.48
C LEU E 186 9.06 43.18 -0.13
N SER E 187 8.01 43.55 0.59
CA SER E 187 7.80 44.93 1.01
C SER E 187 7.19 44.94 2.40
N SER E 188 7.53 45.97 3.17
CA SER E 188 7.02 46.15 4.53
C SER E 188 6.52 47.57 4.68
N VAL E 189 5.20 47.75 4.74
CA VAL E 189 4.62 49.08 4.95
C VAL E 189 4.41 49.29 6.45
N VAL E 190 4.05 50.51 6.81
CA VAL E 190 3.67 50.84 8.18
C VAL E 190 2.82 52.10 8.09
N THR E 191 1.52 51.97 8.36
CA THR E 191 0.62 53.11 8.28
C THR E 191 0.68 53.92 9.57
N VAL E 192 1.08 55.18 9.45
CA VAL E 192 1.27 56.05 10.62
C VAL E 192 0.36 57.26 10.51
N PRO E 193 0.21 58.05 11.57
CA PRO E 193 -0.51 59.32 11.44
C PRO E 193 0.22 60.31 10.56
N SER E 194 -0.54 61.27 10.03
CA SER E 194 0.05 62.31 9.18
C SER E 194 0.74 63.39 10.00
N SER E 195 0.22 63.70 11.19
CA SER E 195 0.84 64.73 12.01
C SER E 195 2.22 64.29 12.49
N SER E 196 2.42 63.00 12.75
CA SER E 196 3.71 62.52 13.23
C SER E 196 4.77 62.48 12.14
N LEU E 197 4.42 62.84 10.89
CA LEU E 197 5.43 62.97 9.86
C LEU E 197 6.35 64.16 10.10
N GLY E 198 5.93 65.11 10.95
CA GLY E 198 6.75 66.27 11.25
C GLY E 198 7.97 65.92 12.08
N THR E 199 7.75 65.27 13.22
CA THR E 199 8.82 64.98 14.17
C THR E 199 9.51 63.66 13.87
N GLN E 200 8.74 62.58 13.80
CA GLN E 200 9.30 61.23 13.84
C GLN E 200 10.11 60.91 12.58
N THR E 201 11.04 59.97 12.75
CA THR E 201 11.89 59.49 11.67
C THR E 201 11.86 57.96 11.66
N TYR E 202 11.94 57.38 10.47
CA TYR E 202 11.71 55.96 10.28
C TYR E 202 12.87 55.33 9.52
N ILE E 203 13.49 54.30 10.11
CA ILE E 203 14.44 53.43 9.44
C ILE E 203 13.94 52.00 9.53
N CYS E 204 13.96 51.28 8.42
CA CYS E 204 13.59 49.87 8.39
C CYS E 204 14.84 49.02 8.48
N ASN E 205 14.83 48.05 9.38
CA ASN E 205 16.01 47.24 9.70
C ASN E 205 15.83 45.89 9.02
N VAL E 206 16.52 45.70 7.90
CA VAL E 206 16.40 44.50 7.07
C VAL E 206 17.58 43.59 7.37
N ASN E 207 17.29 42.35 7.76
CA ASN E 207 18.32 41.37 8.07
C ASN E 207 18.14 40.14 7.20
N HIS E 208 19.26 39.66 6.65
CA HIS E 208 19.27 38.46 5.80
C HIS E 208 20.44 37.60 6.27
N LYS E 209 20.18 36.74 7.27
CA LYS E 209 21.26 35.91 7.82
C LYS E 209 21.94 35.05 6.76
N PRO E 210 21.23 34.41 5.82
CA PRO E 210 21.92 33.64 4.77
C PRO E 210 22.98 34.45 4.05
N SER E 211 22.61 35.59 3.47
CA SER E 211 23.59 36.43 2.79
C SER E 211 24.46 37.19 3.77
N ASN E 212 24.03 37.32 5.03
CA ASN E 212 24.81 37.99 6.07
C ASN E 212 24.83 39.50 5.85
N THR E 213 23.66 40.08 5.59
CA THR E 213 23.53 41.50 5.27
C THR E 213 22.64 42.18 6.30
N LYS E 214 23.05 43.39 6.70
CA LYS E 214 22.25 44.25 7.57
C LYS E 214 22.19 45.62 6.93
N VAL E 215 20.97 46.15 6.74
CA VAL E 215 20.77 47.43 6.08
C VAL E 215 19.68 48.21 6.79
N ASP E 216 19.95 49.49 7.06
CA ASP E 216 18.96 50.47 7.46
C ASP E 216 18.66 51.40 6.28
N LYS E 217 17.48 52.01 6.31
CA LYS E 217 17.10 52.93 5.25
C LYS E 217 16.05 53.90 5.76
N ARG E 218 16.34 55.20 5.69
CA ARG E 218 15.37 56.22 6.05
C ARG E 218 14.41 56.47 4.88
N VAL E 219 13.23 57.00 5.23
CA VAL E 219 12.12 57.16 4.28
C VAL E 219 11.57 58.58 4.44
N GLU E 220 11.44 59.29 3.32
CA GLU E 220 11.01 60.68 3.35
C GLU E 220 10.37 61.03 2.00
N PRO E 221 9.57 62.12 1.94
CA PRO E 221 8.99 62.55 0.66
C PRO E 221 9.88 63.52 -0.09
N LYS E 222 9.42 64.10 -1.20
CA LYS E 222 10.28 64.99 -1.97
C LYS E 222 9.47 65.80 -2.97
N SER E 223 10.09 66.84 -3.49
CA SER E 223 9.51 67.71 -4.51
C SER E 223 9.09 66.95 -5.78
#